data_2KHI
#
_entry.id   2KHI
#
_entity_poly.entity_id   1
_entity_poly.type   'polypeptide(L)'
_entity_poly.pdbx_seq_one_letter_code
;MGSSHHHHHHSSGLVPRGSHWVAIAKRYPEGTKLTGRVTNLTDYGCFVEIEEGVEGLVHVSEMDWTNKNIHPSKVVNVGD
VVEVMVLDIDEERRRISLGLKQCKANPWQQFAETH
;
_entity_poly.pdbx_strand_id   A
#
# COMPACT_ATOMS: atom_id res chain seq x y z
N TRP A 21 17.57 -12.95 13.22
CA TRP A 21 18.65 -12.37 12.35
C TRP A 21 18.07 -11.28 11.44
N VAL A 22 18.93 -10.56 10.69
CA VAL A 22 18.54 -9.50 9.76
C VAL A 22 18.71 -10.02 8.34
N ALA A 23 17.65 -9.87 7.49
CA ALA A 23 17.62 -10.30 6.08
C ALA A 23 18.31 -9.31 5.12
N ILE A 24 19.64 -9.11 5.34
CA ILE A 24 20.64 -8.25 4.66
C ILE A 24 20.50 -6.74 4.72
N ALA A 25 19.24 -6.31 4.72
CA ALA A 25 18.77 -4.95 4.82
C ALA A 25 17.29 -5.01 5.16
N LYS A 26 16.94 -4.94 6.46
CA LYS A 26 15.57 -5.05 6.94
C LYS A 26 15.38 -4.14 8.17
N ARG A 27 14.19 -3.50 8.29
CA ARG A 27 13.83 -2.53 9.32
C ARG A 27 12.71 -3.04 10.21
N TYR A 28 11.62 -3.41 9.51
CA TYR A 28 10.36 -3.94 9.97
C TYR A 28 10.45 -5.47 10.05
N PRO A 29 9.72 -6.24 10.88
CA PRO A 29 9.79 -7.72 10.92
C PRO A 29 9.37 -8.45 9.63
N GLU A 30 8.42 -7.85 8.84
CA GLU A 30 7.79 -8.31 7.60
C GLU A 30 6.50 -9.05 7.93
N GLY A 31 5.33 -8.54 7.42
CA GLY A 31 4.03 -9.12 7.80
C GLY A 31 3.40 -8.38 8.95
N THR A 32 4.02 -7.22 9.17
CA THR A 32 3.73 -6.09 10.04
C THR A 32 3.13 -5.10 9.08
N LYS A 33 2.01 -4.45 9.46
CA LYS A 33 1.24 -3.60 8.59
C LYS A 33 1.42 -2.12 8.78
N LEU A 34 1.19 -1.39 7.66
CA LEU A 34 1.39 0.06 7.56
C LEU A 34 0.12 0.65 7.07
N THR A 35 0.12 1.97 7.03
CA THR A 35 -0.92 2.74 6.38
C THR A 35 -0.18 3.68 5.45
N GLY A 36 -0.72 3.81 4.22
CA GLY A 36 -0.17 4.64 3.15
C GLY A 36 -1.26 5.20 2.31
N ARG A 37 -0.81 6.06 1.37
CA ARG A 37 -1.67 6.82 0.48
C ARG A 37 -1.32 6.38 -0.90
N VAL A 38 -2.31 6.11 -1.78
CA VAL A 38 -2.08 5.64 -3.16
C VAL A 38 -1.67 6.69 -4.16
N THR A 39 -0.63 6.35 -4.95
CA THR A 39 -0.04 7.27 -5.93
C THR A 39 -0.06 6.77 -7.37
N ASN A 40 0.28 5.48 -7.68
CA ASN A 40 0.16 4.99 -9.06
C ASN A 40 -0.44 3.61 -9.10
N LEU A 41 -0.72 3.07 -10.31
CA LEU A 41 -1.11 1.68 -10.50
C LEU A 41 -0.09 1.06 -11.42
N THR A 42 0.26 -0.21 -11.16
CA THR A 42 1.24 -0.96 -11.96
C THR A 42 0.57 -2.08 -12.70
N ASP A 43 1.39 -2.82 -13.49
CA ASP A 43 1.10 -3.97 -14.34
C ASP A 43 0.44 -5.16 -13.64
N TYR A 44 0.73 -5.31 -12.33
CA TYR A 44 0.12 -6.31 -11.48
C TYR A 44 0.20 -5.89 -10.04
N GLY A 45 -0.17 -4.61 -9.82
CA GLY A 45 -0.28 -4.12 -8.46
C GLY A 45 -0.57 -2.67 -8.51
N CYS A 46 -0.36 -2.01 -7.38
CA CYS A 46 -0.58 -0.60 -7.18
C CYS A 46 0.59 -0.06 -6.43
N PHE A 47 0.95 1.25 -6.61
CA PHE A 47 2.00 1.81 -5.74
C PHE A 47 1.33 2.70 -4.75
N VAL A 48 1.82 2.53 -3.51
CA VAL A 48 1.32 3.19 -2.33
C VAL A 48 2.46 3.96 -1.77
N GLU A 49 2.20 5.22 -1.39
CA GLU A 49 3.25 6.02 -0.76
C GLU A 49 3.13 6.08 0.77
N ILE A 50 4.25 5.77 1.48
CA ILE A 50 4.30 5.88 2.96
C ILE A 50 4.58 7.30 3.46
N GLU A 51 5.83 7.51 3.89
CA GLU A 51 6.45 8.74 4.37
C GLU A 51 7.39 9.20 3.29
N GLU A 52 7.93 10.43 3.41
CA GLU A 52 8.83 11.03 2.41
C GLU A 52 10.16 10.26 2.22
N GLY A 53 10.41 9.75 0.96
CA GLY A 53 11.53 8.90 0.56
C GLY A 53 11.30 7.40 0.69
N VAL A 54 10.13 7.07 1.28
CA VAL A 54 9.64 5.73 1.57
C VAL A 54 8.36 5.43 0.80
N GLU A 55 8.36 4.48 -0.16
CA GLU A 55 7.14 4.15 -0.87
C GLU A 55 7.08 2.66 -0.96
N GLY A 56 5.84 2.16 -1.14
CA GLY A 56 5.58 0.73 -1.34
C GLY A 56 4.79 0.38 -2.57
N LEU A 57 4.69 -0.95 -2.78
CA LEU A 57 3.94 -1.59 -3.86
C LEU A 57 2.99 -2.55 -3.25
N VAL A 58 1.69 -2.39 -3.59
CA VAL A 58 0.59 -3.26 -3.22
C VAL A 58 0.49 -4.32 -4.26
N HIS A 59 0.84 -5.58 -3.87
CA HIS A 59 0.73 -6.74 -4.75
C HIS A 59 -0.72 -7.19 -4.79
N VAL A 60 -1.38 -7.10 -5.99
CA VAL A 60 -2.81 -7.36 -6.34
C VAL A 60 -3.54 -8.52 -5.64
N SER A 61 -2.82 -9.63 -5.41
CA SER A 61 -3.32 -10.84 -4.78
C SER A 61 -3.22 -10.86 -3.26
N GLU A 62 -2.61 -9.82 -2.59
CA GLU A 62 -2.42 -9.71 -1.14
C GLU A 62 -3.70 -9.34 -0.36
N MET A 63 -4.77 -10.16 -0.55
CA MET A 63 -6.08 -9.93 0.01
C MET A 63 -6.98 -11.09 -0.34
N ASP A 64 -7.05 -11.46 -1.66
CA ASP A 64 -7.91 -12.47 -2.28
C ASP A 64 -9.22 -11.83 -2.73
N TRP A 65 -9.91 -11.19 -1.76
CA TRP A 65 -11.19 -10.48 -1.84
C TRP A 65 -11.19 -9.18 -2.67
N THR A 66 -10.70 -9.28 -3.90
CA THR A 66 -10.70 -8.26 -4.95
C THR A 66 -10.75 -9.03 -6.25
N ASN A 67 -11.66 -8.59 -7.17
CA ASN A 67 -12.05 -9.11 -8.48
C ASN A 67 -13.51 -9.53 -8.37
N LYS A 68 -13.83 -10.44 -7.41
CA LYS A 68 -15.18 -10.92 -7.09
C LYS A 68 -15.80 -10.12 -5.92
N ASN A 69 -15.20 -8.94 -5.64
CA ASN A 69 -15.53 -7.99 -4.59
C ASN A 69 -16.50 -6.91 -5.07
N ILE A 70 -16.82 -6.86 -6.40
CA ILE A 70 -17.71 -5.96 -7.15
C ILE A 70 -17.12 -4.56 -7.34
N HIS A 71 -16.57 -4.01 -6.23
CA HIS A 71 -15.91 -2.74 -6.00
C HIS A 71 -14.69 -2.39 -6.85
N PRO A 72 -14.54 -1.12 -7.35
CA PRO A 72 -13.31 -0.53 -7.95
C PRO A 72 -12.13 -0.44 -6.98
N SER A 73 -11.97 -1.47 -6.14
CA SER A 73 -10.96 -1.73 -5.16
C SER A 73 -11.24 -1.12 -3.80
N LYS A 74 -12.58 -0.94 -3.60
CA LYS A 74 -13.37 -0.24 -2.57
C LYS A 74 -13.23 1.25 -2.74
N VAL A 75 -12.88 1.56 -4.00
CA VAL A 75 -12.68 2.81 -4.66
C VAL A 75 -11.27 3.33 -4.36
N VAL A 76 -10.23 2.59 -4.84
CA VAL A 76 -8.82 2.87 -4.68
C VAL A 76 -8.40 3.63 -5.92
N ASN A 77 -8.32 4.96 -5.72
CA ASN A 77 -7.99 5.99 -6.68
C ASN A 77 -6.69 6.56 -6.21
N VAL A 78 -6.04 7.28 -7.16
CA VAL A 78 -4.84 8.08 -6.95
C VAL A 78 -5.15 9.25 -6.01
N GLY A 79 -4.43 9.29 -4.86
CA GLY A 79 -4.60 10.24 -3.76
C GLY A 79 -5.54 9.82 -2.66
N ASP A 80 -5.93 8.52 -2.61
CA ASP A 80 -6.74 7.90 -1.54
C ASP A 80 -5.88 7.28 -0.46
N VAL A 81 -6.36 7.26 0.81
CA VAL A 81 -5.66 6.62 1.93
C VAL A 81 -6.25 5.22 2.21
N VAL A 82 -5.29 4.27 2.39
CA VAL A 82 -5.32 2.81 2.56
C VAL A 82 -4.40 2.39 3.68
N GLU A 83 -4.40 1.06 3.82
CA GLU A 83 -3.67 0.25 4.75
C GLU A 83 -2.97 -0.75 3.90
N VAL A 84 -1.77 -1.18 4.32
CA VAL A 84 -0.95 -2.09 3.52
C VAL A 84 -0.23 -2.93 4.54
N MET A 85 0.33 -4.08 4.15
CA MET A 85 1.08 -4.94 5.05
C MET A 85 2.39 -5.16 4.41
N VAL A 86 3.50 -5.07 5.16
CA VAL A 86 4.85 -5.03 4.56
C VAL A 86 5.38 -6.32 3.99
N LEU A 87 5.95 -6.28 2.76
CA LEU A 87 6.62 -7.38 2.15
C LEU A 87 7.97 -6.68 1.90
N ASP A 88 8.56 -6.86 0.73
CA ASP A 88 10.01 -6.71 0.47
C ASP A 88 10.73 -5.38 0.62
N ILE A 89 11.63 -5.32 1.63
CA ILE A 89 12.41 -4.17 2.01
C ILE A 89 13.83 -4.27 1.50
N ASP A 90 14.33 -3.12 0.96
CA ASP A 90 15.73 -2.93 0.66
C ASP A 90 16.04 -1.50 1.06
N GLU A 91 16.71 -1.29 2.24
CA GLU A 91 17.10 -0.01 2.91
C GLU A 91 18.06 0.83 2.09
N GLU A 92 18.69 0.11 1.15
CA GLU A 92 19.63 0.43 0.13
C GLU A 92 18.99 1.14 -1.06
N ARG A 93 17.72 0.78 -1.36
CA ARG A 93 16.95 1.32 -2.48
C ARG A 93 15.83 2.24 -2.03
N ARG A 94 15.32 1.90 -0.85
CA ARG A 94 14.21 2.49 -0.09
C ARG A 94 12.85 2.13 -0.64
N ARG A 95 12.73 0.80 -0.84
CA ARG A 95 11.54 0.15 -1.33
C ARG A 95 11.23 -0.89 -0.29
N ILE A 96 9.98 -0.86 0.24
CA ILE A 96 9.35 -1.70 1.26
C ILE A 96 8.25 -2.24 0.46
N SER A 97 7.95 -3.58 0.39
CA SER A 97 6.90 -3.82 -0.65
C SER A 97 5.66 -4.01 0.11
N LEU A 98 4.85 -2.95 0.36
CA LEU A 98 3.72 -3.17 1.25
C LEU A 98 2.44 -3.27 0.49
N GLY A 99 1.63 -4.26 0.89
CA GLY A 99 0.37 -4.53 0.20
C GLY A 99 -0.66 -5.05 1.16
N LEU A 100 -1.82 -4.33 1.22
CA LEU A 100 -3.07 -4.58 1.93
C LEU A 100 -4.21 -4.22 1.03
N LYS A 101 -4.69 -2.93 1.07
CA LYS A 101 -5.63 -2.36 0.09
C LYS A 101 -7.11 -2.24 0.47
N GLN A 102 -7.50 -2.18 1.77
CA GLN A 102 -8.87 -2.09 2.27
C GLN A 102 -9.62 -0.79 2.04
N CYS A 103 -8.89 0.28 2.37
CA CYS A 103 -9.14 1.71 2.38
C CYS A 103 -9.58 2.26 3.72
N LYS A 104 -9.52 3.60 3.84
CA LYS A 104 -9.86 4.38 5.02
C LYS A 104 -11.31 4.84 4.99
N ALA A 105 -11.87 5.29 6.14
CA ALA A 105 -13.21 5.85 6.26
C ALA A 105 -13.11 7.35 6.14
N ASN A 106 -13.41 7.81 4.90
CA ASN A 106 -13.27 9.13 4.30
C ASN A 106 -11.88 9.14 3.63
N PRO A 107 -11.61 8.30 2.57
CA PRO A 107 -10.27 8.13 2.03
C PRO A 107 -9.82 9.26 1.11
N TRP A 108 -10.77 10.09 0.63
CA TRP A 108 -10.61 11.27 -0.19
C TRP A 108 -10.95 12.49 0.65
N GLN A 109 -10.11 13.54 0.53
CA GLN A 109 -10.22 14.82 1.21
C GLN A 109 -9.82 15.89 0.21
N GLN A 110 -9.92 17.19 0.60
CA GLN A 110 -9.65 18.36 -0.22
C GLN A 110 -8.16 18.74 -0.40
N PHE A 111 -7.44 17.87 -1.14
CA PHE A 111 -6.01 17.91 -1.49
C PHE A 111 -5.55 19.08 -2.37
N ALA A 112 -5.50 20.31 -1.82
CA ALA A 112 -5.01 21.51 -2.45
C ALA A 112 -4.09 22.16 -1.44
N GLU A 113 -2.98 22.79 -1.91
CA GLU A 113 -2.02 23.46 -1.04
C GLU A 113 -1.35 24.56 -1.83
N THR A 114 -1.57 25.82 -1.40
CA THR A 114 -1.04 27.10 -1.89
C THR A 114 -1.92 28.04 -1.11
N HIS A 115 -1.78 27.96 0.23
CA HIS A 115 -2.60 28.66 1.20
C HIS A 115 -1.63 29.29 2.21
N TRP A 21 24.45 -8.87 12.65
CA TRP A 21 23.94 -10.24 12.33
C TRP A 21 22.48 -10.10 11.94
N VAL A 22 21.74 -11.22 11.81
CA VAL A 22 20.34 -11.26 11.44
C VAL A 22 19.59 -12.04 12.52
N ALA A 23 18.29 -11.71 12.70
CA ALA A 23 17.34 -12.36 13.59
C ALA A 23 16.36 -13.15 12.79
N ILE A 24 15.54 -12.40 12.08
CA ILE A 24 14.51 -12.83 11.16
C ILE A 24 14.33 -11.71 10.15
N ALA A 25 14.03 -12.10 8.89
CA ALA A 25 13.75 -11.28 7.72
C ALA A 25 15.03 -10.94 6.97
N LYS A 26 15.48 -9.67 7.04
CA LYS A 26 16.73 -9.20 6.45
C LYS A 26 17.27 -8.12 7.33
N ARG A 27 16.66 -6.95 7.14
CA ARG A 27 16.93 -5.70 7.84
C ARG A 27 15.76 -5.29 8.71
N TYR A 28 14.60 -5.06 8.09
CA TYR A 28 13.33 -4.67 8.70
C TYR A 28 12.34 -5.83 8.53
N PRO A 29 11.36 -6.06 9.44
CA PRO A 29 10.35 -7.12 9.37
C PRO A 29 9.32 -6.97 8.24
N GLU A 30 8.42 -7.98 8.13
CA GLU A 30 7.41 -8.07 7.13
C GLU A 30 6.25 -8.78 7.80
N GLY A 31 4.99 -8.27 7.61
CA GLY A 31 3.81 -8.83 8.28
C GLY A 31 3.34 -7.97 9.40
N THR A 32 4.02 -6.83 9.47
CA THR A 32 3.83 -5.65 10.30
C THR A 32 3.04 -4.71 9.42
N LYS A 33 1.85 -4.26 9.84
CA LYS A 33 1.01 -3.40 9.02
C LYS A 33 1.26 -1.94 9.23
N LEU A 34 1.09 -1.21 8.11
CA LEU A 34 1.43 0.19 7.93
C LEU A 34 0.22 0.86 7.38
N THR A 35 0.32 2.17 7.26
CA THR A 35 -0.69 3.01 6.62
C THR A 35 0.08 3.81 5.61
N GLY A 36 -0.59 4.04 4.47
CA GLY A 36 -0.06 4.86 3.38
C GLY A 36 -1.16 5.28 2.49
N ARG A 37 -0.79 6.15 1.54
CA ARG A 37 -1.74 6.75 0.59
C ARG A 37 -1.32 6.33 -0.78
N VAL A 38 -2.27 5.97 -1.65
CA VAL A 38 -1.94 5.46 -3.01
C VAL A 38 -1.67 6.52 -4.06
N THR A 39 -0.56 6.30 -4.80
CA THR A 39 -0.08 7.29 -5.78
C THR A 39 0.39 6.82 -7.16
N ASN A 40 0.86 5.55 -7.40
CA ASN A 40 1.27 5.14 -8.76
C ASN A 40 0.66 3.77 -9.03
N LEU A 41 0.81 3.25 -10.27
CA LEU A 41 0.53 1.87 -10.62
C LEU A 41 1.79 1.24 -11.15
N THR A 42 1.91 -0.09 -10.97
CA THR A 42 3.03 -0.90 -11.45
C THR A 42 2.49 -1.83 -12.53
N ASP A 43 3.35 -2.67 -13.16
CA ASP A 43 3.03 -3.65 -14.20
C ASP A 43 2.13 -4.81 -13.76
N TYR A 44 2.25 -5.15 -12.46
CA TYR A 44 1.49 -6.17 -11.77
C TYR A 44 1.43 -5.78 -10.31
N GLY A 45 1.16 -4.48 -10.10
CA GLY A 45 0.95 -4.00 -8.75
C GLY A 45 0.52 -2.60 -8.85
N CYS A 46 0.58 -1.93 -7.70
CA CYS A 46 0.20 -0.55 -7.49
C CYS A 46 1.19 0.02 -6.50
N PHE A 47 1.46 1.34 -6.48
CA PHE A 47 2.38 1.90 -5.48
C PHE A 47 1.67 2.85 -4.53
N VAL A 48 2.15 2.71 -3.28
CA VAL A 48 1.69 3.37 -2.08
C VAL A 48 2.73 4.35 -1.66
N GLU A 49 2.34 5.54 -1.22
CA GLU A 49 3.30 6.39 -0.47
C GLU A 49 3.02 6.29 1.04
N ILE A 50 4.01 5.81 1.88
CA ILE A 50 3.84 5.66 3.37
C ILE A 50 3.53 6.93 4.15
N GLU A 51 4.62 7.61 4.42
CA GLU A 51 4.79 8.91 5.06
C GLU A 51 5.65 9.55 4.02
N GLU A 52 5.55 10.89 3.80
CA GLU A 52 6.23 11.58 2.70
C GLU A 52 7.77 11.44 2.65
N GLY A 53 8.29 10.87 1.51
CA GLY A 53 9.70 10.55 1.29
C GLY A 53 10.05 9.09 1.40
N VAL A 54 9.08 8.31 1.90
CA VAL A 54 9.09 6.86 2.07
C VAL A 54 7.98 6.36 1.15
N GLU A 55 8.13 5.19 0.48
CA GLU A 55 7.12 4.73 -0.43
C GLU A 55 7.21 3.24 -0.44
N GLY A 56 6.04 2.61 -0.68
CA GLY A 56 5.86 1.17 -0.76
C GLY A 56 5.12 0.72 -1.97
N LEU A 57 5.04 -0.60 -2.13
CA LEU A 57 4.25 -1.29 -3.15
C LEU A 57 2.93 -1.75 -2.57
N VAL A 58 1.98 -2.08 -3.45
CA VAL A 58 0.79 -2.88 -3.17
C VAL A 58 1.01 -4.07 -4.03
N HIS A 59 1.12 -5.32 -3.50
CA HIS A 59 1.17 -6.47 -4.43
C HIS A 59 -0.30 -6.76 -4.86
N VAL A 60 -0.63 -6.55 -6.18
CA VAL A 60 -1.97 -6.47 -6.82
C VAL A 60 -3.19 -7.21 -6.23
N SER A 61 -3.06 -8.54 -5.97
CA SER A 61 -4.11 -9.38 -5.38
C SER A 61 -4.07 -9.47 -3.85
N GLU A 62 -3.08 -8.85 -3.15
CA GLU A 62 -2.90 -8.90 -1.71
C GLU A 62 -3.77 -7.97 -0.89
N MET A 63 -5.11 -8.11 -0.96
CA MET A 63 -6.08 -7.44 -0.09
C MET A 63 -6.50 -8.44 0.98
N ASP A 64 -7.12 -9.56 0.55
CA ASP A 64 -7.62 -10.59 1.45
C ASP A 64 -7.97 -11.79 0.61
N TRP A 65 -8.88 -11.60 -0.37
CA TRP A 65 -9.34 -12.64 -1.28
C TRP A 65 -9.78 -11.90 -2.52
N THR A 66 -10.11 -12.65 -3.60
CA THR A 66 -10.60 -12.05 -4.84
C THR A 66 -11.22 -13.16 -5.64
N ASN A 67 -12.47 -12.88 -6.12
CA ASN A 67 -13.38 -13.73 -6.86
C ASN A 67 -14.72 -13.16 -6.42
N LYS A 68 -15.21 -13.55 -5.22
CA LYS A 68 -16.45 -13.08 -4.64
C LYS A 68 -16.15 -12.18 -3.44
N ASN A 69 -15.15 -11.27 -3.59
CA ASN A 69 -14.70 -10.34 -2.58
C ASN A 69 -15.52 -9.05 -2.60
N ILE A 70 -16.22 -8.77 -3.73
CA ILE A 70 -17.12 -7.65 -4.04
C ILE A 70 -16.42 -6.29 -4.25
N HIS A 71 -15.31 -6.08 -3.50
CA HIS A 71 -14.44 -4.92 -3.40
C HIS A 71 -13.26 -4.86 -4.34
N PRO A 72 -13.23 -3.85 -5.30
CA PRO A 72 -12.09 -3.41 -6.12
C PRO A 72 -10.94 -2.79 -5.31
N SER A 73 -10.58 -3.44 -4.18
CA SER A 73 -9.55 -3.05 -3.23
C SER A 73 -10.07 -2.11 -2.14
N LYS A 74 -11.43 -2.08 -2.13
CA LYS A 74 -12.41 -1.24 -1.44
C LYS A 74 -12.50 0.11 -2.13
N VAL A 75 -12.22 0.02 -3.44
CA VAL A 75 -12.15 1.01 -4.49
C VAL A 75 -10.89 1.88 -4.37
N VAL A 76 -9.69 1.23 -4.49
CA VAL A 76 -8.37 1.82 -4.38
C VAL A 76 -8.00 2.57 -5.66
N ASN A 77 -8.12 3.90 -5.52
CA ASN A 77 -7.93 4.95 -6.49
C ASN A 77 -6.69 5.68 -6.13
N VAL A 78 -6.26 6.52 -7.08
CA VAL A 78 -5.14 7.45 -6.93
C VAL A 78 -5.56 8.62 -6.04
N GLY A 79 -4.81 8.79 -4.92
CA GLY A 79 -5.05 9.78 -3.88
C GLY A 79 -5.91 9.29 -2.76
N ASP A 80 -6.10 7.95 -2.66
CA ASP A 80 -6.84 7.26 -1.61
C ASP A 80 -5.93 6.82 -0.50
N VAL A 81 -6.42 6.89 0.76
CA VAL A 81 -5.70 6.43 1.93
C VAL A 81 -6.23 5.05 2.32
N VAL A 82 -5.26 4.16 2.64
CA VAL A 82 -5.37 2.72 2.90
C VAL A 82 -4.45 2.42 4.06
N GLU A 83 -4.49 1.13 4.41
CA GLU A 83 -3.66 0.50 5.42
C GLU A 83 -3.08 -0.59 4.58
N VAL A 84 -1.77 -0.85 4.72
CA VAL A 84 -1.10 -1.69 3.76
C VAL A 84 -0.16 -2.43 4.64
N MET A 85 0.05 -3.74 4.43
CA MET A 85 0.87 -4.54 5.34
C MET A 85 2.20 -4.75 4.72
N VAL A 86 3.30 -4.72 5.50
CA VAL A 86 4.64 -4.72 4.89
C VAL A 86 5.17 -6.08 4.47
N LEU A 87 5.72 -6.21 3.23
CA LEU A 87 6.38 -7.39 2.79
C LEU A 87 7.75 -6.81 2.43
N ASP A 88 8.31 -7.18 1.30
CA ASP A 88 9.75 -7.09 0.99
C ASP A 88 10.56 -5.79 0.99
N ILE A 89 11.50 -5.68 1.95
CA ILE A 89 12.33 -4.49 2.20
C ILE A 89 13.74 -4.61 1.64
N ASP A 90 14.03 -3.77 0.61
CA ASP A 90 15.30 -3.65 -0.03
C ASP A 90 15.53 -2.17 -0.20
N GLU A 91 16.45 -1.59 0.60
CA GLU A 91 16.82 -0.16 0.64
C GLU A 91 17.95 0.16 -0.33
N GLU A 92 18.28 -0.88 -1.12
CA GLU A 92 19.13 -1.03 -2.27
C GLU A 92 18.35 -0.60 -3.52
N ARG A 93 17.06 -1.02 -3.57
CA ARG A 93 16.10 -0.73 -4.64
C ARG A 93 15.15 0.38 -4.25
N ARG A 94 14.95 0.49 -2.91
CA ARG A 94 14.14 1.39 -2.12
C ARG A 94 12.66 1.07 -2.17
N ARG A 95 12.45 -0.24 -1.85
CA ARG A 95 11.18 -0.91 -1.86
C ARG A 95 10.92 -1.52 -0.51
N ILE A 96 9.69 -1.32 0.02
CA ILE A 96 9.10 -1.90 1.23
C ILE A 96 8.00 -2.58 0.50
N SER A 97 7.78 -3.94 0.56
CA SER A 97 6.92 -4.38 -0.57
C SER A 97 5.60 -4.60 0.04
N LEU A 98 4.65 -3.66 0.03
CA LEU A 98 3.54 -3.78 0.93
C LEU A 98 2.39 -4.40 0.22
N GLY A 99 1.37 -4.73 0.99
CA GLY A 99 0.13 -5.14 0.31
C GLY A 99 -1.10 -4.91 1.16
N LEU A 100 -2.17 -4.38 0.52
CA LEU A 100 -3.37 -3.74 1.07
C LEU A 100 -4.28 -4.37 2.13
N LYS A 101 -5.00 -3.52 2.95
CA LYS A 101 -6.00 -4.03 3.89
C LYS A 101 -7.43 -3.67 3.44
N GLN A 102 -8.10 -2.64 4.03
CA GLN A 102 -9.52 -2.40 3.73
C GLN A 102 -9.90 -0.92 3.57
N CYS A 103 -8.93 0.01 3.24
CA CYS A 103 -9.14 1.44 3.07
C CYS A 103 -9.39 2.21 4.35
N LYS A 104 -9.45 3.56 4.25
CA LYS A 104 -9.79 4.45 5.36
C LYS A 104 -11.31 4.52 5.58
N ALA A 105 -11.74 4.94 6.78
CA ALA A 105 -13.12 5.16 7.20
C ALA A 105 -13.59 6.58 6.81
N ASN A 106 -13.42 6.81 5.49
CA ASN A 106 -13.53 7.96 4.59
C ASN A 106 -12.14 8.09 3.92
N PRO A 107 -11.83 7.53 2.72
CA PRO A 107 -10.50 7.63 2.11
C PRO A 107 -10.35 8.98 1.34
N TRP A 108 -10.51 8.99 -0.01
CA TRP A 108 -10.43 10.16 -0.88
C TRP A 108 -11.78 10.86 -1.01
N GLN A 109 -12.18 11.60 0.05
CA GLN A 109 -13.40 12.37 0.10
C GLN A 109 -13.33 13.33 1.28
N GLN A 110 -14.35 14.21 1.38
CA GLN A 110 -14.57 15.17 2.44
C GLN A 110 -16.00 14.96 2.89
N PHE A 111 -16.43 15.69 3.96
CA PHE A 111 -17.75 15.63 4.60
C PHE A 111 -18.09 14.30 5.32
N ALA A 112 -19.38 14.09 5.71
CA ALA A 112 -19.87 12.91 6.40
C ALA A 112 -21.10 12.37 5.71
N GLU A 113 -20.95 12.03 4.40
CA GLU A 113 -22.01 11.49 3.56
C GLU A 113 -21.63 10.11 3.03
N THR A 114 -22.65 9.24 2.80
CA THR A 114 -22.58 7.89 2.23
C THR A 114 -24.02 7.43 2.27
N HIS A 115 -24.47 6.60 1.30
CA HIS A 115 -25.81 6.07 1.20
C HIS A 115 -25.72 4.92 0.17
N TRP A 21 11.87 -14.65 9.92
CA TRP A 21 13.21 -14.01 10.12
C TRP A 21 14.31 -14.74 9.36
N VAL A 22 15.55 -14.19 9.42
CA VAL A 22 16.76 -14.72 8.84
C VAL A 22 17.86 -14.13 9.70
N ALA A 23 19.05 -14.78 9.85
CA ALA A 23 20.13 -14.36 10.73
C ALA A 23 21.14 -13.36 10.14
N ILE A 24 20.64 -12.34 9.41
CA ILE A 24 21.44 -11.28 8.82
C ILE A 24 20.53 -10.17 8.30
N ALA A 25 21.11 -8.94 8.18
CA ALA A 25 20.66 -7.68 7.57
C ALA A 25 19.34 -7.01 7.95
N LYS A 26 18.27 -7.83 8.06
CA LYS A 26 16.86 -7.50 8.18
C LYS A 26 16.39 -6.43 9.18
N ARG A 27 15.67 -5.41 8.65
CA ARG A 27 15.24 -4.21 9.35
C ARG A 27 13.74 -4.20 9.66
N TYR A 28 13.14 -5.40 9.58
CA TYR A 28 11.70 -5.61 9.63
C TYR A 28 11.41 -7.04 10.07
N PRO A 29 10.27 -7.37 10.71
CA PRO A 29 9.81 -8.74 10.96
C PRO A 29 9.10 -9.34 9.73
N GLU A 30 8.30 -8.52 8.98
CA GLU A 30 7.51 -8.84 7.77
C GLU A 30 6.16 -9.44 8.10
N GLY A 31 5.03 -8.82 7.62
CA GLY A 31 3.71 -9.41 7.91
C GLY A 31 2.99 -8.73 9.02
N THR A 32 3.59 -7.59 9.36
CA THR A 32 3.16 -6.47 10.18
C THR A 32 2.49 -5.55 9.22
N LYS A 33 1.74 -4.55 9.70
CA LYS A 33 0.96 -3.69 8.82
C LYS A 33 1.49 -2.29 8.82
N LEU A 34 1.36 -1.66 7.63
CA LEU A 34 1.73 -0.28 7.35
C LEU A 34 0.51 0.43 6.91
N THR A 35 0.63 1.73 6.73
CA THR A 35 -0.47 2.61 6.33
C THR A 35 0.08 3.63 5.34
N GLY A 36 -0.71 3.90 4.28
CA GLY A 36 -0.30 4.85 3.24
C GLY A 36 -1.40 5.38 2.38
N ARG A 37 -0.99 6.27 1.44
CA ARG A 37 -1.90 6.93 0.50
C ARG A 37 -1.39 6.67 -0.89
N VAL A 38 -2.29 6.31 -1.83
CA VAL A 38 -1.91 5.94 -3.21
C VAL A 38 -1.44 7.02 -4.17
N THR A 39 -0.32 6.67 -4.84
CA THR A 39 0.37 7.52 -5.80
C THR A 39 0.38 6.99 -7.25
N ASN A 40 0.57 5.67 -7.52
CA ASN A 40 0.56 5.17 -8.92
C ASN A 40 -0.24 3.89 -8.99
N LEU A 41 -0.52 3.33 -10.20
CA LEU A 41 -1.04 1.99 -10.42
C LEU A 41 -0.06 1.25 -11.29
N THR A 42 0.16 -0.07 -11.04
CA THR A 42 1.13 -0.88 -11.78
C THR A 42 0.39 -1.92 -12.60
N ASP A 43 1.09 -2.69 -13.45
CA ASP A 43 0.60 -3.83 -14.28
C ASP A 43 0.02 -5.02 -13.49
N TYR A 44 0.55 -5.20 -12.27
CA TYR A 44 0.12 -6.20 -11.33
C TYR A 44 0.44 -5.70 -9.95
N GLY A 45 0.03 -4.42 -9.72
CA GLY A 45 0.01 -3.89 -8.38
C GLY A 45 -0.43 -2.47 -8.45
N CYS A 46 -0.15 -1.71 -7.39
CA CYS A 46 -0.27 -0.25 -7.35
C CYS A 46 0.81 0.32 -6.47
N PHE A 47 1.08 1.65 -6.53
CA PHE A 47 2.10 2.26 -5.65
C PHE A 47 1.39 3.00 -4.54
N VAL A 48 1.69 2.62 -3.25
CA VAL A 48 1.08 3.20 -2.06
C VAL A 48 2.20 3.97 -1.42
N GLU A 49 2.01 5.28 -1.14
CA GLU A 49 3.05 6.10 -0.53
C GLU A 49 3.00 6.15 1.00
N ILE A 50 4.11 5.79 1.70
CA ILE A 50 4.19 5.85 3.19
C ILE A 50 4.75 7.20 3.66
N GLU A 51 4.19 8.31 3.11
CA GLU A 51 4.62 9.71 3.27
C GLU A 51 5.78 10.02 2.36
N GLU A 52 6.21 11.29 2.29
CA GLU A 52 7.30 11.70 1.39
C GLU A 52 8.70 11.14 1.76
N GLY A 53 9.33 10.35 0.82
CA GLY A 53 10.64 9.75 0.91
C GLY A 53 10.65 8.25 0.88
N VAL A 54 9.59 7.71 1.48
CA VAL A 54 9.35 6.26 1.64
C VAL A 54 8.07 5.81 0.93
N GLU A 55 8.18 4.83 0.02
CA GLU A 55 7.07 4.39 -0.80
C GLU A 55 6.98 2.91 -0.65
N GLY A 56 5.75 2.39 -0.88
CA GLY A 56 5.52 0.98 -1.14
C GLY A 56 4.96 0.75 -2.49
N LEU A 57 4.91 -0.54 -2.79
CA LEU A 57 4.26 -1.11 -3.98
C LEU A 57 3.36 -2.11 -3.38
N VAL A 58 2.05 -2.06 -3.71
CA VAL A 58 1.11 -3.10 -3.33
C VAL A 58 1.10 -4.04 -4.48
N HIS A 59 1.47 -5.30 -4.21
CA HIS A 59 1.49 -6.31 -5.27
C HIS A 59 0.20 -7.11 -5.33
N VAL A 60 -0.43 -7.29 -6.54
CA VAL A 60 -1.66 -8.09 -6.84
C VAL A 60 -1.75 -9.53 -6.26
N SER A 61 -0.59 -10.17 -5.94
CA SER A 61 -0.41 -11.45 -5.25
C SER A 61 -0.79 -11.42 -3.75
N GLU A 62 -0.73 -10.23 -3.09
CA GLU A 62 -1.09 -9.96 -1.71
C GLU A 62 -2.44 -9.25 -1.70
N MET A 63 -3.52 -9.95 -2.12
CA MET A 63 -4.81 -9.32 -2.33
C MET A 63 -5.92 -10.24 -1.88
N ASP A 64 -6.54 -11.00 -2.81
CA ASP A 64 -7.69 -11.87 -2.60
C ASP A 64 -7.90 -12.57 -3.94
N TRP A 65 -9.05 -12.34 -4.62
CA TRP A 65 -9.45 -12.92 -5.89
C TRP A 65 -10.68 -12.17 -6.38
N THR A 66 -11.28 -12.54 -7.55
CA THR A 66 -12.49 -11.91 -8.08
C THR A 66 -13.55 -12.95 -8.40
N ASN A 67 -14.79 -12.62 -8.00
CA ASN A 67 -15.98 -13.40 -8.30
C ASN A 67 -17.04 -12.35 -8.59
N LYS A 68 -16.61 -11.33 -9.40
CA LYS A 68 -17.28 -10.09 -9.80
C LYS A 68 -16.90 -9.00 -8.81
N ASN A 69 -15.63 -9.04 -8.37
CA ASN A 69 -15.06 -8.18 -7.35
C ASN A 69 -13.94 -7.33 -7.94
N ILE A 70 -13.71 -7.45 -9.27
CA ILE A 70 -12.77 -6.80 -10.16
C ILE A 70 -11.31 -7.14 -9.91
N HIS A 71 -10.85 -6.81 -8.69
CA HIS A 71 -9.50 -6.83 -8.12
C HIS A 71 -9.41 -5.65 -7.13
N PRO A 72 -9.44 -5.81 -5.77
CA PRO A 72 -9.35 -4.73 -4.76
C PRO A 72 -8.10 -3.83 -4.84
N SER A 73 -6.98 -4.36 -5.40
CA SER A 73 -5.72 -3.68 -5.69
C SER A 73 -5.68 -2.90 -7.00
N LYS A 74 -6.75 -2.90 -7.85
CA LYS A 74 -6.77 -2.08 -9.07
C LYS A 74 -7.94 -1.09 -9.10
N VAL A 75 -8.86 -1.13 -8.09
CA VAL A 75 -10.02 -0.22 -7.95
C VAL A 75 -9.71 0.99 -7.06
N VAL A 76 -8.43 1.14 -6.63
CA VAL A 76 -7.91 2.24 -5.82
C VAL A 76 -7.19 3.23 -6.74
N ASN A 77 -7.61 4.52 -6.64
CA ASN A 77 -7.13 5.63 -7.42
C ASN A 77 -6.25 6.49 -6.56
N VAL A 78 -5.60 7.44 -7.26
CA VAL A 78 -4.68 8.46 -6.77
C VAL A 78 -5.28 9.33 -5.65
N GLY A 79 -4.58 9.29 -4.49
CA GLY A 79 -4.92 10.04 -3.28
C GLY A 79 -5.96 9.41 -2.39
N ASP A 80 -6.23 8.11 -2.63
CA ASP A 80 -7.07 7.22 -1.83
C ASP A 80 -6.17 6.59 -0.79
N VAL A 81 -6.62 6.56 0.47
CA VAL A 81 -5.86 6.13 1.61
C VAL A 81 -6.16 4.69 1.93
N VAL A 82 -5.11 3.89 2.20
CA VAL A 82 -5.24 2.49 2.59
C VAL A 82 -4.28 2.12 3.67
N GLU A 83 -4.45 0.86 4.11
CA GLU A 83 -3.57 0.15 5.03
C GLU A 83 -2.93 -0.85 4.13
N VAL A 84 -1.70 -1.22 4.49
CA VAL A 84 -0.98 -2.15 3.65
C VAL A 84 -0.35 -3.06 4.65
N MET A 85 0.17 -4.18 4.19
CA MET A 85 0.87 -5.13 5.05
C MET A 85 2.25 -5.10 4.50
N VAL A 86 3.29 -5.11 5.39
CA VAL A 86 4.67 -4.89 4.89
C VAL A 86 5.36 -6.12 4.40
N LEU A 87 5.98 -6.07 3.18
CA LEU A 87 6.73 -7.14 2.64
C LEU A 87 8.06 -6.43 2.43
N ASP A 88 8.68 -6.67 1.30
CA ASP A 88 10.12 -6.56 1.07
C ASP A 88 10.85 -5.25 1.14
N ILE A 89 11.74 -5.14 2.17
CA ILE A 89 12.55 -3.99 2.46
C ILE A 89 13.99 -4.27 2.16
N ASP A 90 14.55 -3.39 1.29
CA ASP A 90 15.91 -3.37 0.84
C ASP A 90 16.33 -1.96 1.05
N GLU A 91 17.28 -1.72 2.00
CA GLU A 91 17.83 -0.37 2.34
C GLU A 91 18.87 0.11 1.34
N GLU A 92 19.17 -0.82 0.41
CA GLU A 92 20.01 -0.87 -0.74
C GLU A 92 19.28 -0.34 -1.99
N ARG A 93 17.98 -0.71 -2.13
CA ARG A 93 17.12 -0.40 -3.26
C ARG A 93 16.14 0.70 -2.98
N ARG A 94 15.77 0.80 -1.70
CA ARG A 94 14.91 1.79 -1.09
C ARG A 94 13.44 1.61 -1.41
N ARG A 95 13.06 0.34 -1.21
CA ARG A 95 11.74 -0.22 -1.36
C ARG A 95 11.41 -0.88 -0.05
N ILE A 96 10.18 -0.69 0.51
CA ILE A 96 9.59 -1.43 1.66
C ILE A 96 8.46 -2.00 0.88
N SER A 97 8.13 -3.34 0.86
CA SER A 97 7.17 -3.65 -0.24
C SER A 97 5.84 -3.82 0.40
N LEU A 98 4.97 -2.78 0.49
CA LEU A 98 3.79 -2.99 1.30
C LEU A 98 2.61 -3.28 0.38
N GLY A 99 1.78 -4.30 0.72
CA GLY A 99 0.64 -4.71 -0.15
C GLY A 99 -0.70 -4.70 0.59
N LEU A 100 -1.76 -4.13 -0.05
CA LEU A 100 -2.95 -3.53 0.56
C LEU A 100 -4.14 -4.23 1.24
N LYS A 101 -4.92 -3.40 2.03
CA LYS A 101 -6.18 -3.77 2.63
C LYS A 101 -7.19 -2.76 2.08
N GLN A 102 -7.61 -1.78 2.91
CA GLN A 102 -8.44 -0.63 2.62
C GLN A 102 -8.13 0.17 3.86
N CYS A 103 -8.17 1.55 3.94
CA CYS A 103 -7.76 2.20 5.23
C CYS A 103 -8.97 2.26 6.16
N LYS A 104 -9.98 2.57 5.36
CA LYS A 104 -11.36 2.86 5.66
C LYS A 104 -12.25 1.99 4.77
N ALA A 105 -13.56 1.89 5.10
CA ALA A 105 -14.58 1.16 4.35
C ALA A 105 -15.36 2.12 3.47
N ASN A 106 -14.58 2.98 2.78
CA ASN A 106 -14.87 4.10 1.90
C ASN A 106 -13.65 5.04 1.95
N PRO A 107 -12.44 4.69 1.42
CA PRO A 107 -11.26 5.56 1.38
C PRO A 107 -11.47 6.75 0.44
N TRP A 108 -11.22 8.00 0.89
CA TRP A 108 -11.46 9.27 0.18
C TRP A 108 -10.69 9.50 -1.14
N GLN A 109 -11.42 9.83 -2.23
CA GLN A 109 -10.93 9.92 -3.61
C GLN A 109 -10.57 11.31 -4.13
N GLN A 110 -11.00 12.38 -3.44
CA GLN A 110 -10.76 13.73 -3.93
C GLN A 110 -10.76 14.70 -2.75
N PHE A 111 -9.58 15.33 -2.47
CA PHE A 111 -9.28 16.29 -1.41
C PHE A 111 -9.07 15.74 0.00
N ALA A 112 -8.24 14.67 0.15
CA ALA A 112 -7.86 14.10 1.44
C ALA A 112 -6.64 14.84 2.03
N GLU A 113 -6.89 15.84 2.91
CA GLU A 113 -5.87 16.65 3.54
C GLU A 113 -5.80 16.32 5.01
N THR A 114 -6.45 17.15 5.85
CA THR A 114 -6.46 17.07 7.32
C THR A 114 -7.84 16.68 7.83
N HIS A 115 -8.75 17.66 7.92
CA HIS A 115 -10.10 17.49 8.37
C HIS A 115 -10.85 18.75 7.90
N TRP A 21 13.70 5.23 17.39
CA TRP A 21 14.33 3.95 16.94
C TRP A 21 15.50 4.28 16.05
N VAL A 22 15.78 3.47 15.00
CA VAL A 22 16.86 3.58 14.03
C VAL A 22 16.31 4.20 12.75
N ALA A 23 16.84 5.40 12.35
CA ALA A 23 16.40 6.18 11.19
C ALA A 23 17.10 5.88 9.87
N ILE A 24 18.18 5.08 9.93
CA ILE A 24 18.94 4.62 8.80
C ILE A 24 19.42 3.23 9.16
N ALA A 25 19.27 2.29 8.19
CA ALA A 25 19.60 0.89 8.24
C ALA A 25 18.47 0.04 8.84
N LYS A 26 17.24 0.33 8.37
CA LYS A 26 15.98 -0.31 8.75
C LYS A 26 15.72 -1.53 7.89
N ARG A 27 15.37 -2.67 8.52
CA ARG A 27 14.97 -3.90 7.82
C ARG A 27 13.55 -4.30 8.12
N TYR A 28 13.11 -3.96 9.34
CA TYR A 28 11.77 -4.08 9.90
C TYR A 28 11.34 -5.49 10.37
N PRO A 29 10.57 -5.71 11.47
CA PRO A 29 9.97 -7.01 11.78
C PRO A 29 8.67 -7.12 10.94
N GLU A 30 8.77 -7.70 9.71
CA GLU A 30 7.77 -7.79 8.65
C GLU A 30 6.53 -8.65 8.91
N GLY A 31 5.37 -8.29 8.25
CA GLY A 31 4.10 -8.99 8.48
C GLY A 31 3.21 -8.28 9.45
N THR A 32 3.71 -7.08 9.74
CA THR A 32 3.26 -5.94 10.50
C THR A 32 2.67 -5.05 9.41
N LYS A 33 1.62 -4.27 9.69
CA LYS A 33 0.94 -3.51 8.63
C LYS A 33 1.11 -2.04 8.76
N LEU A 34 0.97 -1.36 7.60
CA LEU A 34 1.19 0.09 7.59
C LEU A 34 0.19 0.69 6.66
N THR A 35 -0.21 1.95 6.90
CA THR A 35 -1.19 2.64 6.05
C THR A 35 -0.49 3.72 5.25
N GLY A 36 -0.87 3.85 3.96
CA GLY A 36 -0.34 4.87 3.06
C GLY A 36 -1.37 5.46 2.18
N ARG A 37 -0.93 6.39 1.33
CA ARG A 37 -1.81 7.07 0.38
C ARG A 37 -1.27 6.74 -0.97
N VAL A 38 -2.16 6.43 -1.94
CA VAL A 38 -1.72 6.02 -3.28
C VAL A 38 -1.18 7.11 -4.17
N THR A 39 0.05 6.80 -4.64
CA THR A 39 0.82 7.64 -5.54
C THR A 39 0.87 7.11 -6.97
N ASN A 40 0.93 5.75 -7.21
CA ASN A 40 0.93 5.26 -8.60
C ASN A 40 0.01 4.07 -8.70
N LEU A 41 -0.30 3.59 -9.93
CA LEU A 41 -0.93 2.29 -10.13
C LEU A 41 -0.02 1.50 -11.00
N THR A 42 0.01 0.17 -10.81
CA THR A 42 0.81 -0.73 -11.65
C THR A 42 -0.21 -1.53 -12.43
N ASP A 43 0.22 -2.36 -13.42
CA ASP A 43 -0.60 -3.23 -14.23
C ASP A 43 -1.23 -4.38 -13.46
N TYR A 44 -0.52 -4.80 -12.37
CA TYR A 44 -0.93 -5.81 -11.44
C TYR A 44 -0.44 -5.40 -10.08
N GLY A 45 -0.63 -4.12 -9.77
CA GLY A 45 -0.40 -3.68 -8.40
C GLY A 45 -0.69 -2.24 -8.32
N CYS A 46 -0.31 -1.63 -7.22
CA CYS A 46 -0.55 -0.23 -6.97
C CYS A 46 0.57 0.25 -6.09
N PHE A 47 1.02 1.53 -6.25
CA PHE A 47 2.15 2.01 -5.43
C PHE A 47 1.55 2.84 -4.33
N VAL A 48 1.77 2.42 -3.06
CA VAL A 48 1.15 3.09 -1.92
C VAL A 48 2.25 3.87 -1.25
N GLU A 49 2.11 5.20 -1.04
CA GLU A 49 3.17 5.96 -0.40
C GLU A 49 2.92 6.07 1.10
N ILE A 50 3.85 5.54 1.94
CA ILE A 50 3.72 5.53 3.43
C ILE A 50 3.60 6.90 4.12
N GLU A 51 4.70 7.60 3.97
CA GLU A 51 5.00 8.97 4.37
C GLU A 51 5.74 9.47 3.19
N GLU A 52 5.95 10.80 3.08
CA GLU A 52 6.67 11.36 1.93
C GLU A 52 8.17 10.94 1.85
N GLY A 53 8.54 10.24 0.74
CA GLY A 53 9.86 9.71 0.42
C GLY A 53 10.04 8.23 0.63
N VAL A 54 9.13 7.63 1.39
CA VAL A 54 9.09 6.20 1.72
C VAL A 54 7.82 5.57 1.16
N GLU A 55 7.94 4.59 0.23
CA GLU A 55 6.79 4.06 -0.46
C GLU A 55 6.82 2.57 -0.44
N GLY A 56 5.62 2.00 -0.68
CA GLY A 56 5.38 0.57 -0.95
C GLY A 56 4.73 0.30 -2.27
N LEU A 57 4.63 -1.01 -2.60
CA LEU A 57 3.95 -1.56 -3.77
C LEU A 57 2.99 -2.57 -3.28
N VAL A 58 1.66 -2.34 -3.47
CA VAL A 58 0.64 -3.33 -3.14
C VAL A 58 0.49 -4.23 -4.34
N HIS A 59 0.91 -5.50 -4.17
CA HIS A 59 0.92 -6.52 -5.22
C HIS A 59 -0.49 -7.10 -5.45
N VAL A 60 -1.12 -7.09 -6.67
CA VAL A 60 -2.46 -7.72 -6.96
C VAL A 60 -2.59 -9.23 -6.61
N SER A 61 -1.40 -9.90 -6.57
CA SER A 61 -1.09 -11.26 -6.17
C SER A 61 -0.82 -11.42 -4.67
N GLU A 62 -1.11 -10.41 -3.78
CA GLU A 62 -1.01 -10.42 -2.31
C GLU A 62 -2.00 -11.36 -1.59
N MET A 63 -2.05 -12.61 -2.06
CA MET A 63 -2.92 -13.67 -1.60
C MET A 63 -2.30 -14.93 -2.16
N ASP A 64 -2.24 -14.99 -3.52
CA ASP A 64 -1.65 -16.11 -4.23
C ASP A 64 -1.43 -15.61 -5.64
N TRP A 65 -2.48 -15.67 -6.48
CA TRP A 65 -2.35 -15.32 -7.88
C TRP A 65 -3.43 -14.39 -8.36
N THR A 66 -4.21 -13.84 -7.41
CA THR A 66 -5.37 -12.94 -7.54
C THR A 66 -6.65 -13.70 -7.80
N ASN A 67 -7.66 -13.13 -8.52
CA ASN A 67 -8.97 -13.67 -8.92
C ASN A 67 -9.93 -13.75 -7.74
N LYS A 68 -9.52 -14.54 -6.71
CA LYS A 68 -10.05 -14.75 -5.37
C LYS A 68 -9.95 -13.48 -4.49
N ASN A 69 -9.13 -12.47 -4.95
CA ASN A 69 -9.04 -11.10 -4.41
C ASN A 69 -10.26 -10.27 -4.79
N ILE A 70 -10.96 -10.54 -5.94
CA ILE A 70 -12.20 -9.95 -6.47
C ILE A 70 -12.14 -8.49 -6.96
N HIS A 71 -11.32 -7.64 -6.30
CA HIS A 71 -11.07 -6.21 -6.45
C HIS A 71 -10.19 -5.72 -7.57
N PRO A 72 -10.73 -5.00 -8.63
CA PRO A 72 -9.98 -4.26 -9.65
C PRO A 72 -9.25 -3.06 -9.16
N SER A 73 -8.43 -3.34 -8.15
CA SER A 73 -7.55 -2.46 -7.45
C SER A 73 -8.21 -1.88 -6.25
N LYS A 74 -9.46 -2.41 -5.99
CA LYS A 74 -10.54 -2.01 -5.06
C LYS A 74 -11.20 -0.74 -5.58
N VAL A 75 -10.95 -0.54 -6.91
CA VAL A 75 -11.20 0.57 -7.83
C VAL A 75 -10.55 1.89 -7.34
N VAL A 76 -9.19 1.86 -7.15
CA VAL A 76 -8.30 2.85 -6.56
C VAL A 76 -7.83 3.93 -7.55
N ASN A 77 -7.68 5.15 -7.01
CA ASN A 77 -7.25 6.33 -7.73
C ASN A 77 -5.99 6.79 -7.06
N VAL A 78 -5.32 7.75 -7.74
CA VAL A 78 -4.18 8.52 -7.26
C VAL A 78 -4.70 9.57 -6.28
N GLY A 79 -4.18 9.51 -5.03
CA GLY A 79 -4.59 10.34 -3.90
C GLY A 79 -5.73 9.82 -3.05
N ASP A 80 -6.01 8.50 -3.15
CA ASP A 80 -6.91 7.69 -2.35
C ASP A 80 -5.99 7.00 -1.35
N VAL A 81 -6.54 6.41 -0.28
CA VAL A 81 -5.75 5.80 0.79
C VAL A 81 -6.13 4.34 0.93
N VAL A 82 -5.09 3.48 1.14
CA VAL A 82 -5.21 2.03 1.32
C VAL A 82 -4.25 1.61 2.40
N GLU A 83 -4.45 0.41 2.95
CA GLU A 83 -3.59 -0.18 3.97
C GLU A 83 -2.73 -1.15 3.29
N VAL A 84 -1.56 -1.43 3.88
CA VAL A 84 -0.67 -2.38 3.26
C VAL A 84 -0.12 -3.13 4.41
N MET A 85 0.48 -4.30 4.15
CA MET A 85 1.16 -5.05 5.17
C MET A 85 2.54 -5.13 4.62
N VAL A 86 3.57 -5.02 5.48
CA VAL A 86 4.95 -4.82 4.96
C VAL A 86 5.68 -6.05 4.49
N LEU A 87 6.29 -6.01 3.26
CA LEU A 87 7.06 -7.11 2.77
C LEU A 87 8.39 -6.42 2.53
N ASP A 88 8.98 -6.72 1.40
CA ASP A 88 10.42 -6.65 1.14
C ASP A 88 11.15 -5.34 1.03
N ILE A 89 12.04 -5.12 2.04
CA ILE A 89 12.90 -3.98 2.22
C ILE A 89 14.30 -4.35 1.81
N ASP A 90 14.84 -3.52 0.89
CA ASP A 90 16.16 -3.66 0.32
C ASP A 90 16.81 -2.33 0.58
N GLU A 91 17.82 -2.29 1.49
CA GLU A 91 18.55 -1.09 1.97
C GLU A 91 19.54 -0.54 0.95
N GLU A 92 19.62 -1.29 -0.15
CA GLU A 92 20.38 -1.15 -1.37
C GLU A 92 19.59 -0.32 -2.40
N ARG A 93 18.24 -0.49 -2.41
CA ARG A 93 17.30 0.20 -3.31
C ARG A 93 16.57 1.31 -2.61
N ARG A 94 16.19 0.98 -1.36
CA ARG A 94 15.46 1.71 -0.33
C ARG A 94 13.98 1.80 -0.63
N ARG A 95 13.45 0.58 -0.87
CA ARG A 95 12.06 0.27 -1.16
C ARG A 95 11.69 -0.77 -0.13
N ILE A 96 10.52 -0.63 0.55
CA ILE A 96 9.91 -1.49 1.59
C ILE A 96 8.76 -2.07 0.82
N SER A 97 8.47 -3.41 0.79
CA SER A 97 7.49 -3.73 -0.29
C SER A 97 6.22 -4.01 0.42
N LEU A 98 5.33 -3.02 0.63
CA LEU A 98 4.17 -3.25 1.39
C LEU A 98 2.98 -3.43 0.50
N GLY A 99 2.15 -4.40 0.87
CA GLY A 99 0.95 -4.73 0.10
C GLY A 99 -0.16 -5.26 0.97
N LEU A 100 -1.35 -4.60 0.93
CA LEU A 100 -2.62 -4.91 1.56
C LEU A 100 -3.80 -4.65 0.64
N LYS A 101 -4.35 -3.40 0.60
CA LYS A 101 -5.41 -2.94 -0.33
C LYS A 101 -6.86 -3.03 0.17
N GLN A 102 -7.17 -2.62 1.42
CA GLN A 102 -8.53 -2.58 1.97
C GLN A 102 -9.32 -1.36 1.52
N CYS A 103 -8.62 -0.22 1.64
CA CYS A 103 -9.02 1.16 1.37
C CYS A 103 -9.61 1.82 2.62
N LYS A 104 -9.61 3.18 2.61
CA LYS A 104 -10.25 4.04 3.62
C LYS A 104 -11.78 4.09 3.60
N ALA A 105 -12.38 4.65 4.69
CA ALA A 105 -13.82 4.80 4.93
C ALA A 105 -14.41 6.11 4.44
N ASN A 106 -13.51 6.88 3.80
CA ASN A 106 -13.63 8.15 3.11
C ASN A 106 -12.30 8.32 2.35
N PRO A 107 -11.96 7.65 1.21
CA PRO A 107 -10.66 7.73 0.52
C PRO A 107 -10.24 9.13 0.00
N TRP A 108 -11.24 9.97 -0.31
CA TRP A 108 -11.17 11.35 -0.73
C TRP A 108 -12.13 12.08 0.20
N GLN A 109 -11.83 13.34 0.60
CA GLN A 109 -12.69 14.13 1.46
C GLN A 109 -12.75 15.50 0.83
N GLN A 110 -13.96 16.03 0.55
CA GLN A 110 -14.16 17.34 -0.01
C GLN A 110 -15.64 17.64 0.13
N PHE A 111 -16.00 18.95 0.22
CA PHE A 111 -17.36 19.43 0.49
C PHE A 111 -18.24 19.62 -0.75
N ALA A 112 -17.62 19.97 -1.90
CA ALA A 112 -18.30 20.13 -3.17
C ALA A 112 -17.27 19.78 -4.23
N GLU A 113 -17.63 18.92 -5.23
CA GLU A 113 -16.84 18.41 -6.36
C GLU A 113 -17.14 16.94 -6.48
N THR A 114 -17.13 16.21 -5.34
CA THR A 114 -17.43 14.78 -5.17
C THR A 114 -18.93 14.49 -5.24
N HIS A 115 -19.72 15.53 -4.94
CA HIS A 115 -21.14 15.67 -4.98
C HIS A 115 -21.28 17.20 -4.79
N TRP A 21 18.44 9.86 16.19
CA TRP A 21 18.26 10.11 14.72
C TRP A 21 17.91 8.81 14.01
N VAL A 22 17.62 8.86 12.68
CA VAL A 22 17.30 7.71 11.84
C VAL A 22 18.53 7.35 11.00
N ALA A 23 18.74 6.05 10.75
CA ALA A 23 19.79 5.49 9.93
C ALA A 23 19.11 4.34 9.21
N ILE A 24 19.73 3.76 8.14
CA ILE A 24 19.29 2.62 7.30
C ILE A 24 18.10 2.80 6.37
N ALA A 25 17.47 3.99 6.42
CA ALA A 25 16.34 4.49 5.65
C ALA A 25 14.99 3.91 6.08
N LYS A 26 14.73 2.66 5.65
CA LYS A 26 13.61 1.86 6.06
C LYS A 26 14.00 0.45 5.72
N ARG A 27 13.77 -0.48 6.66
CA ARG A 27 13.88 -1.90 6.48
C ARG A 27 12.59 -2.42 6.98
N TYR A 28 12.53 -2.58 8.30
CA TYR A 28 11.33 -2.88 9.06
C TYR A 28 10.92 -4.36 9.09
N PRO A 29 10.18 -4.84 10.13
CA PRO A 29 9.66 -6.19 10.19
C PRO A 29 8.45 -6.33 9.26
N GLU A 30 8.59 -7.17 8.20
CA GLU A 30 7.58 -7.45 7.19
C GLU A 30 6.46 -8.34 7.74
N GLY A 31 5.19 -7.86 7.61
CA GLY A 31 4.05 -8.51 8.28
C GLY A 31 3.50 -7.73 9.41
N THR A 32 4.12 -6.54 9.58
CA THR A 32 3.68 -5.43 10.42
C THR A 32 2.89 -4.55 9.49
N LYS A 33 1.80 -3.95 9.99
CA LYS A 33 0.89 -3.16 9.19
C LYS A 33 1.16 -1.67 9.28
N LEU A 34 0.92 -0.99 8.14
CA LEU A 34 1.12 0.45 7.98
C LEU A 34 -0.15 1.09 7.54
N THR A 35 -0.10 2.42 7.45
CA THR A 35 -1.14 3.25 6.84
C THR A 35 -0.46 3.92 5.65
N GLY A 36 -1.11 3.84 4.46
CA GLY A 36 -0.67 4.52 3.24
C GLY A 36 -1.79 5.24 2.56
N ARG A 37 -1.40 5.98 1.52
CA ARG A 37 -2.31 6.72 0.64
C ARG A 37 -1.90 6.33 -0.76
N VAL A 38 -2.83 5.86 -1.60
CA VAL A 38 -2.54 5.32 -2.94
C VAL A 38 -2.48 6.32 -4.07
N THR A 39 -1.45 6.19 -4.95
CA THR A 39 -1.32 7.15 -6.07
C THR A 39 -0.80 6.71 -7.44
N ASN A 40 -0.05 5.57 -7.65
CA ASN A 40 0.41 5.21 -9.00
C ASN A 40 0.15 3.73 -9.28
N LEU A 41 0.42 3.19 -10.50
CA LEU A 41 0.29 1.76 -10.81
C LEU A 41 1.64 1.25 -11.27
N THR A 42 1.98 -0.01 -10.88
CA THR A 42 3.29 -0.59 -11.16
C THR A 42 3.06 -1.74 -12.13
N ASP A 43 4.13 -2.45 -12.59
CA ASP A 43 4.07 -3.59 -13.53
C ASP A 43 3.21 -4.80 -13.12
N TYR A 44 3.10 -5.06 -11.80
CA TYR A 44 2.31 -6.11 -11.22
C TYR A 44 2.07 -5.85 -9.76
N GLY A 45 1.68 -4.57 -9.48
CA GLY A 45 1.29 -4.11 -8.16
C GLY A 45 0.93 -2.71 -8.45
N CYS A 46 0.76 -1.89 -7.41
CA CYS A 46 0.37 -0.49 -7.53
C CYS A 46 1.28 0.29 -6.60
N PHE A 47 1.42 1.64 -6.75
CA PHE A 47 2.33 2.42 -5.92
C PHE A 47 1.52 3.07 -4.83
N VAL A 48 2.00 2.86 -3.58
CA VAL A 48 1.34 3.33 -2.37
C VAL A 48 2.22 4.35 -1.76
N GLU A 49 1.70 5.50 -1.35
CA GLU A 49 2.57 6.49 -0.70
C GLU A 49 2.41 6.46 0.81
N ILE A 50 3.55 6.32 1.54
CA ILE A 50 3.55 6.36 3.02
C ILE A 50 3.59 7.81 3.54
N GLU A 51 3.46 8.06 4.89
CA GLU A 51 3.45 9.37 5.57
C GLU A 51 4.80 10.05 5.78
N GLU A 52 5.68 9.09 5.64
CA GLU A 52 7.09 8.84 5.53
C GLU A 52 7.68 9.24 4.17
N GLY A 53 9.00 9.57 4.06
CA GLY A 53 9.66 10.00 2.80
C GLY A 53 10.04 8.88 1.85
N VAL A 54 9.66 7.67 2.27
CA VAL A 54 9.74 6.37 1.59
C VAL A 54 8.34 5.98 1.12
N GLU A 55 8.22 5.32 -0.05
CA GLU A 55 6.95 4.94 -0.67
C GLU A 55 6.89 3.44 -0.68
N GLY A 56 5.64 2.90 -0.78
CA GLY A 56 5.55 1.44 -1.02
C GLY A 56 5.05 1.09 -2.39
N LEU A 57 5.12 -0.21 -2.62
CA LEU A 57 4.58 -0.91 -3.77
C LEU A 57 3.57 -1.86 -3.18
N VAL A 58 2.28 -1.66 -3.50
CA VAL A 58 1.20 -2.57 -3.12
C VAL A 58 1.21 -3.73 -4.08
N HIS A 59 1.82 -4.82 -3.56
CA HIS A 59 2.12 -6.01 -4.29
C HIS A 59 0.95 -6.96 -4.26
N VAL A 60 0.31 -7.21 -5.45
CA VAL A 60 -0.83 -8.12 -5.77
C VAL A 60 -1.11 -9.40 -4.93
N SER A 61 -0.07 -9.88 -4.21
CA SER A 61 -0.01 -10.93 -3.20
C SER A 61 -0.78 -10.64 -1.91
N GLU A 62 -0.94 -9.33 -1.52
CA GLU A 62 -1.64 -8.75 -0.36
C GLU A 62 -3.10 -9.09 -0.08
N MET A 63 -3.59 -10.24 -0.55
CA MET A 63 -4.95 -10.76 -0.56
C MET A 63 -5.67 -10.93 0.77
N ASP A 64 -5.08 -11.78 1.66
CA ASP A 64 -5.58 -12.24 2.97
C ASP A 64 -6.25 -13.61 2.81
N TRP A 65 -7.39 -13.65 2.11
CA TRP A 65 -8.15 -14.85 1.81
C TRP A 65 -8.96 -14.48 0.58
N THR A 66 -9.70 -15.44 -0.03
CA THR A 66 -10.48 -15.27 -1.26
C THR A 66 -12.00 -15.20 -1.04
N ASN A 67 -12.69 -14.66 -2.08
CA ASN A 67 -14.13 -14.38 -2.29
C ASN A 67 -14.41 -12.89 -2.19
N LYS A 68 -13.51 -12.15 -1.50
CA LYS A 68 -13.55 -10.71 -1.27
C LYS A 68 -12.42 -9.98 -2.01
N ASN A 69 -11.52 -10.72 -2.72
CA ASN A 69 -10.33 -10.15 -3.37
C ASN A 69 -10.55 -9.64 -4.81
N ILE A 70 -10.77 -10.56 -5.78
CA ILE A 70 -11.08 -10.40 -7.21
C ILE A 70 -9.95 -9.81 -8.07
N HIS A 71 -9.42 -8.66 -7.63
CA HIS A 71 -8.42 -7.83 -8.30
C HIS A 71 -7.85 -6.76 -7.37
N PRO A 72 -6.62 -6.81 -6.81
CA PRO A 72 -6.00 -5.83 -5.88
C PRO A 72 -5.79 -4.37 -6.35
N SER A 73 -6.42 -3.96 -7.46
CA SER A 73 -6.37 -2.60 -7.96
C SER A 73 -7.72 -2.15 -8.50
N LYS A 74 -8.79 -3.02 -8.51
CA LYS A 74 -10.14 -2.63 -8.95
C LYS A 74 -11.03 -2.32 -7.76
N VAL A 75 -10.39 -2.25 -6.57
CA VAL A 75 -10.87 -1.90 -5.26
C VAL A 75 -9.71 -1.02 -4.81
N VAL A 76 -9.91 0.14 -4.09
CA VAL A 76 -8.89 1.15 -3.73
C VAL A 76 -8.45 1.98 -4.94
N ASN A 77 -8.89 3.26 -5.01
CA ASN A 77 -8.64 4.18 -6.10
C ASN A 77 -7.41 4.99 -5.84
N VAL A 78 -7.05 5.74 -6.90
CA VAL A 78 -6.03 6.77 -6.91
C VAL A 78 -6.49 7.99 -6.10
N GLY A 79 -5.69 8.32 -5.06
CA GLY A 79 -5.94 9.42 -4.11
C GLY A 79 -6.72 9.06 -2.87
N ASP A 80 -6.93 7.75 -2.66
CA ASP A 80 -7.59 7.12 -1.50
C ASP A 80 -6.56 6.74 -0.45
N VAL A 81 -7.02 6.73 0.83
CA VAL A 81 -6.26 6.34 2.00
C VAL A 81 -6.70 4.93 2.39
N VAL A 82 -5.70 4.11 2.76
CA VAL A 82 -5.81 2.69 3.05
C VAL A 82 -4.79 2.33 4.11
N GLU A 83 -4.91 1.10 4.62
CA GLU A 83 -4.08 0.42 5.59
C GLU A 83 -3.33 -0.53 4.75
N VAL A 84 -2.04 -0.72 5.04
CA VAL A 84 -1.23 -1.54 4.18
C VAL A 84 -0.55 -2.49 5.09
N MET A 85 0.07 -3.53 4.54
CA MET A 85 0.90 -4.40 5.36
C MET A 85 2.27 -4.29 4.79
N VAL A 86 3.33 -4.22 5.63
CA VAL A 86 4.70 -4.04 5.10
C VAL A 86 5.29 -5.34 4.64
N LEU A 87 5.75 -5.45 3.36
CA LEU A 87 6.31 -6.65 2.87
C LEU A 87 7.66 -6.19 2.36
N ASP A 88 8.00 -6.78 1.24
CA ASP A 88 9.36 -7.02 0.79
C ASP A 88 10.29 -5.90 0.44
N ILE A 89 11.33 -5.79 1.32
CA ILE A 89 12.28 -4.73 1.33
C ILE A 89 13.65 -5.18 0.89
N ASP A 90 14.22 -4.37 -0.02
CA ASP A 90 15.55 -4.43 -0.54
C ASP A 90 15.98 -2.99 -0.47
N GLU A 91 16.83 -2.66 0.55
CA GLU A 91 17.35 -1.31 0.87
C GLU A 91 18.50 -0.85 -0.05
N GLU A 92 18.96 -1.82 -0.85
CA GLU A 92 19.95 -1.79 -1.91
C GLU A 92 19.31 -1.49 -3.26
N ARG A 93 18.07 -2.02 -3.53
CA ARG A 93 17.35 -1.86 -4.78
C ARG A 93 16.29 -0.81 -4.71
N ARG A 94 15.85 -0.57 -3.45
CA ARG A 94 14.94 0.45 -2.98
C ARG A 94 13.50 0.18 -3.31
N ARG A 95 13.16 -1.09 -3.04
CA ARG A 95 11.86 -1.67 -3.20
C ARG A 95 11.51 -2.25 -1.86
N ILE A 96 10.50 -1.66 -1.18
CA ILE A 96 9.87 -1.92 0.12
C ILE A 96 8.54 -2.36 -0.35
N SER A 97 7.94 -3.51 0.10
CA SER A 97 6.68 -3.74 -0.66
C SER A 97 5.60 -3.62 0.32
N LEU A 98 4.94 -2.45 0.54
CA LEU A 98 3.88 -2.38 1.53
C LEU A 98 2.62 -2.47 0.72
N GLY A 99 1.66 -3.27 1.16
CA GLY A 99 0.56 -3.66 0.26
C GLY A 99 -0.71 -3.90 1.04
N LEU A 100 -1.77 -3.17 0.63
CA LEU A 100 -3.11 -2.88 1.14
C LEU A 100 -3.96 -3.87 1.96
N LYS A 101 -4.90 -3.32 2.83
CA LYS A 101 -5.93 -4.11 3.51
C LYS A 101 -7.28 -3.91 2.80
N GLN A 102 -8.01 -2.78 3.02
CA GLN A 102 -9.27 -2.46 2.33
C GLN A 102 -9.94 -1.11 2.63
N CYS A 103 -9.15 0.01 2.61
CA CYS A 103 -9.57 1.42 2.66
C CYS A 103 -10.21 2.04 3.91
N LYS A 104 -10.18 3.41 3.96
CA LYS A 104 -10.73 4.32 4.98
C LYS A 104 -12.26 4.49 4.87
N ALA A 105 -12.94 5.11 5.87
CA ALA A 105 -14.41 5.28 5.91
C ALA A 105 -14.86 6.68 5.51
N ASN A 106 -13.93 7.38 4.85
CA ASN A 106 -13.95 8.75 4.41
C ASN A 106 -12.67 9.03 3.59
N PRO A 107 -12.26 8.24 2.54
CA PRO A 107 -10.97 8.35 1.86
C PRO A 107 -10.77 9.65 1.08
N TRP A 108 -11.82 10.06 0.33
CA TRP A 108 -11.85 11.19 -0.55
C TRP A 108 -13.30 11.61 -0.60
N GLN A 109 -13.71 12.36 -1.65
CA GLN A 109 -15.06 12.79 -1.99
C GLN A 109 -15.84 11.69 -2.72
N GLN A 110 -16.03 10.55 -2.02
CA GLN A 110 -16.60 9.31 -2.50
C GLN A 110 -18.13 9.27 -2.57
N PHE A 111 -18.71 10.27 -3.30
CA PHE A 111 -20.12 10.47 -3.65
C PHE A 111 -21.14 10.65 -2.52
N ALA A 112 -20.86 11.54 -1.54
CA ALA A 112 -21.74 11.86 -0.42
C ALA A 112 -22.58 13.10 -0.76
N GLU A 113 -23.74 12.84 -1.41
CA GLU A 113 -24.75 13.77 -1.92
C GLU A 113 -24.41 14.31 -3.32
N THR A 114 -25.21 15.27 -3.85
CA THR A 114 -25.02 15.85 -5.19
C THR A 114 -25.21 17.36 -5.17
N HIS A 115 -25.60 17.91 -4.01
CA HIS A 115 -25.91 19.26 -3.61
C HIS A 115 -26.45 18.98 -2.18
N TRP A 21 26.44 -4.55 6.71
CA TRP A 21 25.58 -5.48 7.52
C TRP A 21 24.39 -4.72 8.09
N VAL A 22 23.32 -5.43 8.54
CA VAL A 22 22.08 -4.88 9.11
C VAL A 22 22.23 -4.62 10.62
N ALA A 23 23.12 -3.66 10.93
CA ALA A 23 23.46 -3.20 12.26
C ALA A 23 23.69 -1.70 12.16
N ILE A 24 23.00 -1.06 11.18
CA ILE A 24 23.11 0.36 10.87
C ILE A 24 21.95 0.64 9.93
N ALA A 25 21.56 1.94 9.81
CA ALA A 25 20.57 2.52 8.92
C ALA A 25 19.11 2.39 9.36
N LYS A 26 18.53 1.17 9.24
CA LYS A 26 17.13 0.90 9.54
C LYS A 26 16.93 -0.61 9.44
N ARG A 27 15.91 -0.98 8.63
CA ARG A 27 15.35 -2.26 8.27
C ARG A 27 14.16 -2.59 9.17
N TYR A 28 12.98 -2.73 8.53
CA TYR A 28 11.68 -3.02 9.11
C TYR A 28 11.32 -4.50 8.87
N PRO A 29 10.45 -5.17 9.66
CA PRO A 29 10.02 -6.54 9.40
C PRO A 29 8.93 -6.64 8.32
N GLU A 30 8.41 -7.87 8.09
CA GLU A 30 7.42 -8.17 7.07
C GLU A 30 6.21 -8.80 7.74
N GLY A 31 4.98 -8.26 7.51
CA GLY A 31 3.76 -8.90 8.07
C GLY A 31 3.15 -8.17 9.21
N THR A 32 3.76 -7.02 9.45
CA THR A 32 3.42 -5.91 10.35
C THR A 32 2.72 -4.94 9.41
N LYS A 33 1.57 -4.36 9.80
CA LYS A 33 0.80 -3.49 8.92
C LYS A 33 0.99 -2.01 9.16
N LEU A 34 0.85 -1.24 8.06
CA LEU A 34 1.09 0.21 7.99
C LEU A 34 -0.15 0.92 7.55
N THR A 35 -0.08 2.25 7.55
CA THR A 35 -1.12 3.10 6.95
C THR A 35 -0.43 3.87 5.82
N GLY A 36 -1.08 3.90 4.64
CA GLY A 36 -0.61 4.65 3.48
C GLY A 36 -1.74 5.10 2.63
N ARG A 37 -1.37 5.82 1.56
CA ARG A 37 -2.31 6.31 0.56
C ARG A 37 -1.84 5.79 -0.77
N VAL A 38 -2.73 5.49 -1.71
CA VAL A 38 -2.31 4.98 -3.04
C VAL A 38 -2.15 6.09 -4.04
N THR A 39 -1.02 6.05 -4.77
CA THR A 39 -0.64 7.17 -5.65
C THR A 39 -0.38 6.85 -7.12
N ASN A 40 0.28 5.72 -7.49
CA ASN A 40 0.51 5.43 -8.92
C ASN A 40 0.14 3.99 -9.17
N LEU A 41 0.14 3.48 -10.42
CA LEU A 41 -0.14 2.08 -10.74
C LEU A 41 1.03 1.43 -11.40
N THR A 42 1.15 0.09 -11.20
CA THR A 42 2.17 -0.75 -11.83
C THR A 42 1.40 -1.66 -12.77
N ASP A 43 2.07 -2.56 -13.53
CA ASP A 43 1.42 -3.50 -14.47
C ASP A 43 0.57 -4.60 -13.82
N TYR A 44 0.95 -5.03 -12.60
CA TYR A 44 0.24 -6.00 -11.78
C TYR A 44 0.36 -5.67 -10.33
N GLY A 45 0.29 -4.35 -10.06
CA GLY A 45 0.26 -3.87 -8.70
C GLY A 45 0.02 -2.42 -8.76
N CYS A 46 0.14 -1.75 -7.62
CA CYS A 46 -0.05 -0.31 -7.48
C CYS A 46 1.07 0.24 -6.63
N PHE A 47 1.38 1.55 -6.74
CA PHE A 47 2.39 2.17 -5.87
C PHE A 47 1.67 2.89 -4.75
N VAL A 48 2.06 2.54 -3.49
CA VAL A 48 1.45 3.02 -2.26
C VAL A 48 2.39 4.04 -1.68
N GLU A 49 1.94 5.22 -1.22
CA GLU A 49 2.91 6.10 -0.51
C GLU A 49 2.80 6.06 1.02
N ILE A 50 3.94 5.80 1.75
CA ILE A 50 3.97 5.89 3.24
C ILE A 50 4.69 7.14 3.73
N GLU A 51 4.22 8.35 3.28
CA GLU A 51 4.78 9.69 3.57
C GLU A 51 6.04 9.95 2.77
N GLU A 52 6.58 11.18 2.78
CA GLU A 52 7.78 11.45 2.00
C GLU A 52 9.09 10.77 2.51
N GLY A 53 9.71 9.90 1.65
CA GLY A 53 10.95 9.17 1.86
C GLY A 53 10.82 7.68 1.85
N VAL A 54 9.67 7.23 2.31
CA VAL A 54 9.26 5.84 2.46
C VAL A 54 8.07 5.62 1.55
N GLU A 55 8.05 4.56 0.71
CA GLU A 55 6.93 4.36 -0.18
C GLU A 55 6.99 2.93 -0.55
N GLY A 56 5.82 2.42 -0.96
CA GLY A 56 5.60 1.00 -1.27
C GLY A 56 5.04 0.65 -2.61
N LEU A 57 5.00 -0.67 -2.83
CA LEU A 57 4.36 -1.33 -3.98
C LEU A 57 3.37 -2.31 -3.42
N VAL A 58 2.07 -2.16 -3.79
CA VAL A 58 1.04 -3.15 -3.45
C VAL A 58 0.98 -4.07 -4.61
N HIS A 59 1.27 -5.35 -4.35
CA HIS A 59 1.28 -6.29 -5.50
C HIS A 59 -0.03 -7.05 -5.65
N VAL A 60 -0.65 -7.18 -6.87
CA VAL A 60 -1.95 -7.90 -7.10
C VAL A 60 -2.04 -9.35 -6.55
N SER A 61 -0.95 -10.15 -6.66
CA SER A 61 -0.82 -11.49 -6.08
C SER A 61 -0.28 -11.52 -4.64
N GLU A 62 -0.40 -10.42 -3.84
CA GLU A 62 0.05 -10.30 -2.45
C GLU A 62 -1.13 -10.03 -1.54
N MET A 63 -1.97 -11.05 -1.18
CA MET A 63 -3.14 -10.78 -0.35
C MET A 63 -3.40 -12.02 0.49
N ASP A 64 -4.61 -12.65 0.43
CA ASP A 64 -4.94 -13.80 1.26
C ASP A 64 -6.06 -14.58 0.61
N TRP A 65 -7.34 -14.30 1.00
CA TRP A 65 -8.51 -14.97 0.47
C TRP A 65 -9.47 -13.95 -0.16
N THR A 66 -9.96 -14.28 -1.39
CA THR A 66 -11.00 -13.53 -2.11
C THR A 66 -12.21 -14.48 -2.17
N ASN A 67 -12.50 -15.07 -1.00
CA ASN A 67 -13.48 -16.10 -0.71
C ASN A 67 -14.73 -15.46 -0.12
N LYS A 68 -15.40 -14.61 -0.97
CA LYS A 68 -16.62 -13.83 -0.69
C LYS A 68 -16.30 -12.53 0.02
N ASN A 69 -15.01 -12.11 -0.10
CA ASN A 69 -14.37 -10.96 0.51
C ASN A 69 -14.19 -9.83 -0.50
N ILE A 70 -13.84 -10.23 -1.76
CA ILE A 70 -13.58 -9.54 -3.01
C ILE A 70 -12.33 -8.70 -2.95
N HIS A 71 -12.33 -7.74 -2.00
CA HIS A 71 -11.35 -6.72 -1.68
C HIS A 71 -11.31 -5.51 -2.61
N PRO A 72 -11.87 -4.31 -2.25
CA PRO A 72 -11.67 -3.01 -2.96
C PRO A 72 -10.20 -2.56 -2.97
N SER A 73 -9.44 -3.06 -1.95
CA SER A 73 -8.02 -3.01 -1.63
C SER A 73 -7.09 -3.50 -2.74
N LYS A 74 -7.52 -4.48 -3.58
CA LYS A 74 -6.71 -4.99 -4.68
C LYS A 74 -7.02 -4.37 -6.04
N VAL A 75 -7.98 -3.41 -6.11
CA VAL A 75 -8.39 -2.70 -7.31
C VAL A 75 -7.97 -1.26 -7.12
N VAL A 76 -8.45 -0.62 -6.02
CA VAL A 76 -8.18 0.74 -5.54
C VAL A 76 -8.44 1.91 -6.48
N ASN A 77 -8.59 3.09 -5.87
CA ASN A 77 -8.69 4.34 -6.59
C ASN A 77 -7.39 5.07 -6.31
N VAL A 78 -6.98 5.87 -7.31
CA VAL A 78 -5.78 6.69 -7.27
C VAL A 78 -6.07 7.94 -6.44
N GLY A 79 -5.28 8.13 -5.34
CA GLY A 79 -5.53 9.16 -4.32
C GLY A 79 -6.44 8.69 -3.20
N ASP A 80 -6.51 7.36 -2.95
CA ASP A 80 -7.29 6.71 -1.89
C ASP A 80 -6.39 6.51 -0.68
N VAL A 81 -6.99 6.37 0.53
CA VAL A 81 -6.26 6.06 1.76
C VAL A 81 -6.77 4.70 2.22
N VAL A 82 -5.81 3.84 2.66
CA VAL A 82 -5.86 2.40 2.92
C VAL A 82 -4.90 2.11 4.06
N GLU A 83 -4.91 0.84 4.48
CA GLU A 83 -4.03 0.23 5.47
C GLU A 83 -3.25 -0.73 4.66
N VAL A 84 -1.95 -0.90 4.93
CA VAL A 84 -1.12 -1.70 4.05
C VAL A 84 -0.50 -2.73 4.90
N MET A 85 0.10 -3.77 4.33
CA MET A 85 0.88 -4.66 5.19
C MET A 85 2.27 -4.62 4.62
N VAL A 86 3.31 -4.60 5.49
CA VAL A 86 4.69 -4.42 5.01
C VAL A 86 5.32 -5.68 4.47
N LEU A 87 5.95 -5.64 3.26
CA LEU A 87 6.66 -6.74 2.72
C LEU A 87 8.01 -6.06 2.52
N ASP A 88 8.61 -6.32 1.38
CA ASP A 88 10.06 -6.27 1.17
C ASP A 88 10.86 -5.01 1.29
N ILE A 89 11.73 -4.96 2.34
CA ILE A 89 12.65 -3.86 2.60
C ILE A 89 14.03 -4.24 2.12
N ASP A 90 14.48 -3.54 1.06
CA ASP A 90 15.74 -3.79 0.39
C ASP A 90 16.54 -2.52 0.38
N GLU A 91 17.73 -2.53 1.04
CA GLU A 91 18.62 -1.38 1.25
C GLU A 91 19.52 -1.04 0.07
N GLU A 92 19.40 -1.88 -0.97
CA GLU A 92 20.00 -1.79 -2.28
C GLU A 92 19.12 -1.00 -3.26
N ARG A 93 17.77 -1.19 -3.16
CA ARG A 93 16.78 -0.61 -4.06
C ARG A 93 16.07 0.57 -3.44
N ARG A 94 15.95 0.50 -2.09
CA ARG A 94 15.39 1.47 -1.15
C ARG A 94 13.89 1.56 -1.25
N ARG A 95 13.33 0.34 -1.14
CA ARG A 95 11.95 -0.04 -1.24
C ARG A 95 11.58 -0.76 0.02
N ILE A 96 10.41 -0.46 0.64
CA ILE A 96 9.73 -1.21 1.72
C ILE A 96 8.58 -1.73 0.93
N SER A 97 8.20 -3.06 0.91
CA SER A 97 7.19 -3.33 -0.16
C SER A 97 5.87 -3.41 0.50
N LEU A 98 5.06 -2.33 0.58
CA LEU A 98 3.87 -2.43 1.37
C LEU A 98 2.72 -2.77 0.46
N GLY A 99 1.83 -3.70 0.86
CA GLY A 99 0.72 -4.10 -0.03
C GLY A 99 -0.55 -4.15 0.77
N LEU A 100 -1.60 -3.44 0.29
CA LEU A 100 -2.88 -3.07 0.90
C LEU A 100 -3.74 -4.08 1.71
N LYS A 101 -4.61 -3.60 2.64
CA LYS A 101 -5.43 -4.49 3.47
C LYS A 101 -6.85 -3.97 3.40
N GLN A 102 -7.09 -2.73 3.89
CA GLN A 102 -8.37 -2.07 3.76
C GLN A 102 -8.41 -0.56 4.03
N CYS A 103 -8.92 0.16 2.99
CA CYS A 103 -9.36 1.52 2.70
C CYS A 103 -10.30 2.19 3.69
N LYS A 104 -10.21 3.54 3.72
CA LYS A 104 -10.99 4.46 4.56
C LYS A 104 -12.47 4.59 4.19
N ALA A 105 -13.31 5.14 5.11
CA ALA A 105 -14.76 5.32 4.96
C ALA A 105 -15.14 6.79 4.71
N ASN A 106 -14.15 7.52 4.16
CA ASN A 106 -14.16 8.91 3.74
C ASN A 106 -12.81 9.24 3.06
N PRO A 107 -12.28 8.48 2.04
CA PRO A 107 -10.91 8.56 1.50
C PRO A 107 -10.47 9.90 0.94
N TRP A 108 -11.31 10.65 0.18
CA TRP A 108 -11.00 12.00 -0.29
C TRP A 108 -12.22 12.87 0.01
N GLN A 109 -13.16 13.09 -0.96
CA GLN A 109 -14.46 13.78 -0.87
C GLN A 109 -14.53 15.27 -0.42
N GLN A 110 -13.67 15.68 0.54
CA GLN A 110 -13.48 17.00 1.08
C GLN A 110 -14.10 17.26 2.43
N PHE A 111 -15.46 17.20 2.57
CA PHE A 111 -16.24 17.58 3.75
C PHE A 111 -16.07 16.76 5.05
N ALA A 112 -14.82 16.44 5.40
CA ALA A 112 -14.46 15.66 6.56
C ALA A 112 -12.97 15.77 6.79
N GLU A 113 -12.19 15.43 5.74
CA GLU A 113 -10.74 15.36 5.71
C GLU A 113 -10.00 16.69 5.48
N THR A 114 -9.87 17.10 4.19
CA THR A 114 -9.17 18.28 3.65
C THR A 114 -9.32 18.04 2.15
N HIS A 115 -8.26 17.89 1.34
CA HIS A 115 -8.35 17.64 -0.08
C HIS A 115 -6.92 17.32 -0.55
N TRP A 21 8.95 -11.23 20.33
CA TRP A 21 9.93 -10.95 19.23
C TRP A 21 11.13 -10.26 19.82
N VAL A 22 11.53 -9.07 19.29
CA VAL A 22 12.70 -8.33 19.72
C VAL A 22 12.35 -6.86 19.62
N ALA A 23 13.15 -5.94 20.26
CA ALA A 23 12.97 -4.50 20.25
C ALA A 23 13.92 -3.81 19.27
N ILE A 24 13.95 -4.32 18.01
CA ILE A 24 14.78 -3.87 16.91
C ILE A 24 14.16 -4.59 15.72
N ALA A 25 14.74 -4.50 14.50
CA ALA A 25 14.28 -5.18 13.32
C ALA A 25 15.48 -5.68 12.55
N LYS A 26 15.26 -6.25 11.34
CA LYS A 26 16.30 -6.67 10.39
C LYS A 26 16.76 -5.50 9.54
N ARG A 27 15.72 -4.76 9.15
CA ARG A 27 15.67 -3.52 8.38
C ARG A 27 14.35 -2.89 8.78
N TYR A 28 13.28 -3.53 8.30
CA TYR A 28 11.88 -3.29 8.64
C TYR A 28 11.47 -4.60 9.28
N PRO A 29 10.50 -4.72 10.21
CA PRO A 29 10.08 -5.97 10.84
C PRO A 29 9.53 -7.02 9.86
N GLU A 30 8.58 -6.60 8.98
CA GLU A 30 7.94 -7.36 7.89
C GLU A 30 6.77 -8.23 8.35
N GLY A 31 5.54 -7.95 7.81
CA GLY A 31 4.32 -8.67 8.19
C GLY A 31 3.53 -7.93 9.24
N THR A 32 4.06 -6.74 9.47
CA THR A 32 3.66 -5.62 10.28
C THR A 32 2.97 -4.71 9.31
N LYS A 33 1.71 -4.28 9.58
CA LYS A 33 0.95 -3.42 8.68
C LYS A 33 1.05 -1.97 9.05
N LEU A 34 1.07 -1.15 7.99
CA LEU A 34 1.34 0.28 8.03
C LEU A 34 0.16 0.95 7.42
N THR A 35 0.15 2.27 7.47
CA THR A 35 -0.87 3.09 6.81
C THR A 35 -0.20 3.81 5.66
N GLY A 36 -0.90 3.90 4.50
CA GLY A 36 -0.45 4.71 3.37
C GLY A 36 -1.58 5.16 2.54
N ARG A 37 -1.24 6.03 1.56
CA ARG A 37 -2.18 6.61 0.61
C ARG A 37 -1.63 6.35 -0.75
N VAL A 38 -2.49 5.91 -1.68
CA VAL A 38 -2.11 5.41 -3.02
C VAL A 38 -2.03 6.48 -4.07
N THR A 39 -0.90 6.44 -4.82
CA THR A 39 -0.53 7.51 -5.74
C THR A 39 -0.14 7.15 -7.18
N ASN A 40 0.47 5.96 -7.47
CA ASN A 40 0.84 5.60 -8.84
C ASN A 40 0.39 4.18 -9.11
N LEU A 41 0.55 3.65 -10.34
CA LEU A 41 0.21 2.27 -10.67
C LEU A 41 1.39 1.48 -11.17
N THR A 42 1.27 0.13 -11.01
CA THR A 42 2.22 -0.85 -11.53
C THR A 42 1.46 -1.62 -12.59
N ASP A 43 2.08 -2.60 -13.30
CA ASP A 43 1.52 -3.44 -14.34
C ASP A 43 0.46 -4.44 -13.85
N TYR A 44 0.53 -4.81 -12.55
CA TYR A 44 -0.35 -5.68 -11.82
C TYR A 44 -0.09 -5.44 -10.35
N GLY A 45 -0.19 -4.16 -9.98
CA GLY A 45 -0.15 -3.75 -8.59
C GLY A 45 -0.28 -2.29 -8.73
N CYS A 46 -0.09 -1.56 -7.63
CA CYS A 46 -0.13 -0.11 -7.58
C CYS A 46 0.98 0.39 -6.67
N PHE A 47 1.28 1.72 -6.63
CA PHE A 47 2.30 2.25 -5.73
C PHE A 47 1.63 3.11 -4.66
N VAL A 48 1.97 2.80 -3.39
CA VAL A 48 1.40 3.39 -2.19
C VAL A 48 2.41 4.36 -1.66
N GLU A 49 2.01 5.55 -1.20
CA GLU A 49 2.98 6.42 -0.53
C GLU A 49 2.86 6.35 0.99
N ILE A 50 3.97 6.00 1.69
CA ILE A 50 4.01 5.89 3.18
C ILE A 50 4.49 7.20 3.82
N GLU A 51 3.84 8.33 3.45
CA GLU A 51 4.16 9.72 3.80
C GLU A 51 5.31 10.22 2.95
N GLU A 52 5.67 11.51 3.06
CA GLU A 52 6.77 12.08 2.29
C GLU A 52 8.18 11.54 2.66
N GLY A 53 8.88 10.91 1.67
CA GLY A 53 10.20 10.30 1.78
C GLY A 53 10.20 8.79 1.77
N VAL A 54 9.06 8.21 2.11
CA VAL A 54 8.79 6.76 2.17
C VAL A 54 7.73 6.39 1.15
N GLU A 55 7.83 5.22 0.52
CA GLU A 55 6.88 4.80 -0.48
C GLU A 55 6.93 3.29 -0.46
N GLY A 56 5.78 2.70 -0.79
CA GLY A 56 5.58 1.25 -0.92
C GLY A 56 4.90 0.88 -2.18
N LEU A 57 4.80 -0.42 -2.39
CA LEU A 57 4.01 -1.07 -3.43
C LEU A 57 2.72 -1.53 -2.79
N VAL A 58 1.71 -1.82 -3.63
CA VAL A 58 0.54 -2.63 -3.22
C VAL A 58 0.44 -3.70 -4.28
N HIS A 59 0.59 -5.00 -3.90
CA HIS A 59 0.59 -6.04 -4.93
C HIS A 59 -0.79 -6.70 -5.14
N VAL A 60 -1.23 -6.89 -6.44
CA VAL A 60 -2.48 -7.53 -6.92
C VAL A 60 -3.03 -8.76 -6.19
N SER A 61 -2.19 -9.75 -5.79
CA SER A 61 -2.60 -10.95 -5.03
C SER A 61 -2.51 -10.79 -3.52
N GLU A 62 -2.04 -9.62 -2.97
CA GLU A 62 -1.96 -9.36 -1.53
C GLU A 62 -3.28 -8.97 -0.89
N MET A 63 -4.30 -9.83 -1.04
CA MET A 63 -5.59 -9.67 -0.43
C MET A 63 -6.23 -11.03 -0.50
N ASP A 64 -6.79 -11.40 -1.67
CA ASP A 64 -7.48 -12.66 -1.82
C ASP A 64 -7.23 -13.11 -3.24
N TRP A 65 -8.23 -12.90 -4.11
CA TRP A 65 -8.20 -13.34 -5.49
C TRP A 65 -8.49 -12.14 -6.35
N THR A 66 -7.58 -11.81 -7.30
CA THR A 66 -7.66 -10.64 -8.19
C THR A 66 -7.16 -11.11 -9.56
N ASN A 67 -7.47 -10.34 -10.66
CA ASN A 67 -7.08 -10.47 -12.07
C ASN A 67 -8.34 -10.28 -12.91
N LYS A 68 -9.33 -11.17 -12.71
CA LYS A 68 -10.63 -11.16 -13.38
C LYS A 68 -11.75 -11.01 -12.35
N ASN A 69 -11.40 -10.54 -11.11
CA ASN A 69 -12.30 -10.30 -9.97
C ASN A 69 -12.87 -8.89 -10.00
N ILE A 70 -12.28 -7.99 -10.85
CA ILE A 70 -12.59 -6.59 -11.16
C ILE A 70 -12.53 -5.58 -10.02
N HIS A 71 -13.09 -5.94 -8.83
CA HIS A 71 -13.23 -5.22 -7.54
C HIS A 71 -12.22 -4.11 -7.22
N PRO A 72 -12.61 -2.80 -7.09
CA PRO A 72 -11.73 -1.66 -6.81
C PRO A 72 -10.95 -1.75 -5.50
N SER A 73 -11.43 -2.55 -4.52
CA SER A 73 -10.80 -2.86 -3.26
C SER A 73 -9.77 -3.98 -3.35
N LYS A 74 -9.81 -4.85 -4.39
CA LYS A 74 -8.84 -5.94 -4.63
C LYS A 74 -7.61 -5.45 -5.35
N VAL A 75 -7.79 -4.41 -6.21
CA VAL A 75 -6.75 -3.76 -7.02
C VAL A 75 -6.19 -2.53 -6.32
N VAL A 76 -7.08 -1.59 -5.92
CA VAL A 76 -6.85 -0.31 -5.24
C VAL A 76 -6.53 0.86 -6.17
N ASN A 77 -7.18 2.02 -5.92
CA ASN A 77 -7.15 3.19 -6.78
C ASN A 77 -6.28 4.28 -6.23
N VAL A 78 -5.74 5.06 -7.20
CA VAL A 78 -4.95 6.27 -7.03
C VAL A 78 -5.85 7.36 -6.49
N GLY A 79 -5.46 7.87 -5.30
CA GLY A 79 -6.22 8.80 -4.49
C GLY A 79 -7.03 8.19 -3.39
N ASP A 80 -6.86 6.88 -3.13
CA ASP A 80 -7.44 6.20 -1.96
C ASP A 80 -6.43 6.21 -0.82
N VAL A 81 -6.95 6.00 0.41
CA VAL A 81 -6.16 5.84 1.63
C VAL A 81 -6.48 4.44 2.11
N VAL A 82 -5.42 3.74 2.54
CA VAL A 82 -5.43 2.34 2.92
C VAL A 82 -4.50 2.15 4.06
N GLU A 83 -4.51 0.86 4.45
CA GLU A 83 -3.64 0.22 5.40
C GLU A 83 -2.94 -0.74 4.52
N VAL A 84 -1.61 -0.83 4.61
CA VAL A 84 -0.89 -1.66 3.65
C VAL A 84 0.06 -2.40 4.51
N MET A 85 0.29 -3.71 4.27
CA MET A 85 1.10 -4.53 5.14
C MET A 85 2.42 -4.70 4.51
N VAL A 86 3.50 -4.73 5.33
CA VAL A 86 4.86 -4.71 4.71
C VAL A 86 5.40 -6.05 4.27
N LEU A 87 5.94 -6.15 3.01
CA LEU A 87 6.61 -7.32 2.55
C LEU A 87 7.98 -6.73 2.21
N ASP A 88 8.48 -7.08 1.04
CA ASP A 88 9.90 -7.13 0.64
C ASP A 88 10.84 -5.97 0.80
N ILE A 89 11.82 -6.13 1.71
CA ILE A 89 12.71 -5.09 2.15
C ILE A 89 14.15 -5.27 1.70
N ASP A 90 14.68 -4.25 0.97
CA ASP A 90 16.05 -4.21 0.52
C ASP A 90 16.39 -2.75 0.54
N GLU A 91 17.38 -2.35 1.40
CA GLU A 91 17.75 -0.95 1.71
C GLU A 91 19.05 -0.55 1.07
N GLU A 92 19.40 -1.30 0.00
CA GLU A 92 20.46 -1.00 -0.96
C GLU A 92 19.80 -0.66 -2.28
N ARG A 93 18.79 -1.49 -2.61
CA ARG A 93 17.79 -1.45 -3.66
C ARG A 93 16.77 -0.33 -3.49
N ARG A 94 16.43 -0.15 -2.20
CA ARG A 94 15.61 0.86 -1.54
C ARG A 94 14.13 0.67 -1.76
N ARG A 95 13.73 -0.58 -1.47
CA ARG A 95 12.39 -1.12 -1.59
C ARG A 95 11.90 -1.74 -0.29
N ILE A 96 10.65 -1.42 0.12
CA ILE A 96 9.84 -1.97 1.23
C ILE A 96 8.71 -2.47 0.40
N SER A 97 8.24 -3.75 0.45
CA SER A 97 7.27 -4.00 -0.64
C SER A 97 5.98 -4.27 -0.01
N LEU A 98 4.99 -3.36 0.05
CA LEU A 98 3.84 -3.57 0.84
C LEU A 98 2.69 -4.14 0.02
N GLY A 99 1.63 -4.53 0.73
CA GLY A 99 0.35 -4.86 0.06
C GLY A 99 -0.84 -4.73 0.98
N LEU A 100 -2.04 -4.21 0.54
CA LEU A 100 -3.17 -3.76 1.38
C LEU A 100 -3.81 -4.61 2.52
N LYS A 101 -4.52 -3.94 3.50
CA LYS A 101 -5.17 -4.68 4.60
C LYS A 101 -6.66 -4.32 4.66
N GLN A 102 -6.95 -2.99 4.79
CA GLN A 102 -8.29 -2.43 4.73
C GLN A 102 -8.51 -1.40 3.62
N CYS A 103 -8.57 -0.11 4.01
CA CYS A 103 -8.95 1.11 3.31
C CYS A 103 -9.27 2.05 4.46
N LYS A 104 -9.49 3.35 4.19
CA LYS A 104 -9.88 4.34 5.17
C LYS A 104 -11.41 4.47 5.29
N ALA A 105 -11.92 5.06 6.39
CA ALA A 105 -13.34 5.30 6.63
C ALA A 105 -13.70 6.72 6.24
N ASN A 106 -13.81 6.91 4.91
CA ASN A 106 -14.02 8.13 4.14
C ASN A 106 -12.67 8.52 3.49
N PRO A 107 -12.10 7.73 2.50
CA PRO A 107 -10.80 7.98 1.83
C PRO A 107 -10.82 9.28 1.00
N TRP A 108 -9.67 9.99 0.89
CA TRP A 108 -9.32 11.29 0.31
C TRP A 108 -10.28 12.16 -0.56
N GLN A 109 -11.22 11.59 -1.35
CA GLN A 109 -12.20 12.33 -2.18
C GLN A 109 -13.63 12.23 -1.63
N GLN A 110 -13.84 11.43 -0.56
CA GLN A 110 -15.10 11.19 0.13
C GLN A 110 -16.02 10.15 -0.53
N PHE A 111 -15.83 8.82 -0.21
CA PHE A 111 -16.66 7.71 -0.74
C PHE A 111 -18.03 7.58 -0.03
N ALA A 112 -18.12 6.74 1.03
CA ALA A 112 -19.26 6.45 1.90
C ALA A 112 -20.50 5.78 1.29
N GLU A 113 -20.90 6.21 0.06
CA GLU A 113 -22.07 5.85 -0.73
C GLU A 113 -23.12 6.91 -0.50
N THR A 114 -23.56 7.02 0.77
CA THR A 114 -24.50 7.97 1.35
C THR A 114 -24.96 7.38 2.67
N HIS A 115 -25.11 6.04 2.73
CA HIS A 115 -25.61 5.30 3.85
C HIS A 115 -25.32 3.83 3.46
N TRP A 21 27.09 -15.58 6.91
CA TRP A 21 26.24 -15.19 8.08
C TRP A 21 25.75 -13.76 7.90
N VAL A 22 24.87 -13.27 8.81
CA VAL A 22 24.31 -11.91 8.81
C VAL A 22 25.03 -11.11 9.88
N ALA A 23 25.35 -9.81 9.60
CA ALA A 23 26.03 -8.89 10.51
C ALA A 23 25.31 -7.55 10.58
N ILE A 24 24.04 -7.50 10.11
CA ILE A 24 23.14 -6.34 10.09
C ILE A 24 21.76 -6.86 10.47
N ALA A 25 20.68 -6.18 10.02
CA ALA A 25 19.29 -6.57 10.19
C ALA A 25 18.58 -6.30 8.86
N LYS A 26 17.22 -6.41 8.79
CA LYS A 26 16.44 -6.24 7.57
C LYS A 26 15.61 -4.96 7.50
N ARG A 27 15.75 -4.14 8.57
CA ARG A 27 15.08 -2.90 8.89
C ARG A 27 13.63 -3.02 9.33
N TYR A 28 12.77 -3.30 8.34
CA TYR A 28 11.32 -3.37 8.42
C TYR A 28 10.80 -4.81 8.51
N PRO A 29 10.18 -5.28 9.65
CA PRO A 29 9.63 -6.64 9.81
C PRO A 29 8.43 -6.94 8.89
N GLU A 30 8.57 -8.01 8.06
CA GLU A 30 7.65 -8.50 7.04
C GLU A 30 6.34 -9.06 7.62
N GLY A 31 5.14 -8.46 7.36
CA GLY A 31 3.91 -9.04 7.91
C GLY A 31 3.35 -8.33 9.08
N THR A 32 4.00 -7.19 9.32
CA THR A 32 3.63 -6.09 10.23
C THR A 32 2.94 -5.10 9.32
N LYS A 33 1.90 -4.38 9.78
CA LYS A 33 1.12 -3.50 8.91
C LYS A 33 1.36 -2.04 9.09
N LEU A 34 1.06 -1.31 7.97
CA LEU A 34 1.18 0.15 7.89
C LEU A 34 -0.11 0.69 7.38
N THR A 35 -0.15 2.01 7.39
CA THR A 35 -1.14 2.81 6.70
C THR A 35 -0.33 3.56 5.65
N GLY A 36 -0.86 3.60 4.41
CA GLY A 36 -0.28 4.35 3.31
C GLY A 36 -1.33 4.81 2.40
N ARG A 37 -0.89 5.68 1.46
CA ARG A 37 -1.78 6.41 0.57
C ARG A 37 -1.28 6.22 -0.84
N VAL A 38 -2.16 5.92 -1.81
CA VAL A 38 -1.71 5.61 -3.19
C VAL A 38 -1.31 6.81 -4.05
N THR A 39 -0.08 6.67 -4.61
CA THR A 39 0.60 7.65 -5.45
C THR A 39 0.69 7.25 -6.92
N ASN A 40 0.99 5.95 -7.28
CA ASN A 40 0.95 5.54 -8.69
C ASN A 40 0.24 4.21 -8.84
N LEU A 41 0.00 3.70 -10.06
CA LEU A 41 -0.57 2.38 -10.31
C LEU A 41 0.40 1.59 -11.14
N THR A 42 0.46 0.25 -10.92
CA THR A 42 1.40 -0.67 -11.58
C THR A 42 0.63 -1.58 -12.52
N ASP A 43 1.30 -2.48 -13.28
CA ASP A 43 0.77 -3.48 -14.19
C ASP A 43 0.06 -4.65 -13.49
N TYR A 44 0.24 -4.76 -12.16
CA TYR A 44 -0.37 -5.73 -11.31
C TYR A 44 -0.24 -5.31 -9.87
N GLY A 45 -0.57 -4.02 -9.62
CA GLY A 45 -0.59 -3.53 -8.27
C GLY A 45 -0.72 -2.07 -8.37
N CYS A 46 -0.36 -1.39 -7.29
CA CYS A 46 -0.26 0.04 -7.25
C CYS A 46 0.88 0.37 -6.35
N PHE A 47 1.36 1.64 -6.42
CA PHE A 47 2.47 2.08 -5.57
C PHE A 47 1.86 2.89 -4.48
N VAL A 48 2.06 2.44 -3.21
CA VAL A 48 1.42 3.00 -2.05
C VAL A 48 2.47 3.75 -1.32
N GLU A 49 2.24 5.03 -1.04
CA GLU A 49 3.21 5.84 -0.32
C GLU A 49 3.08 5.83 1.18
N ILE A 50 4.19 5.61 1.95
CA ILE A 50 4.16 5.85 3.45
C ILE A 50 4.45 7.34 3.77
N GLU A 51 3.77 8.29 3.07
CA GLU A 51 4.03 9.73 3.01
C GLU A 51 5.09 9.96 1.95
N GLU A 52 5.31 11.23 1.53
CA GLU A 52 6.24 11.50 0.43
C GLU A 52 7.75 11.14 0.64
N GLY A 53 8.28 10.21 -0.20
CA GLY A 53 9.68 9.80 -0.29
C GLY A 53 10.01 8.40 0.13
N VAL A 54 9.10 7.81 0.90
CA VAL A 54 9.17 6.44 1.41
C VAL A 54 7.97 5.73 0.82
N GLU A 55 8.16 4.61 0.08
CA GLU A 55 7.05 4.14 -0.71
C GLU A 55 7.12 2.68 -0.91
N GLY A 56 5.90 2.12 -0.93
CA GLY A 56 5.56 0.71 -1.19
C GLY A 56 4.93 0.40 -2.51
N LEU A 57 4.73 -0.92 -2.72
CA LEU A 57 4.00 -1.52 -3.84
C LEU A 57 2.97 -2.43 -3.25
N VAL A 58 1.66 -2.19 -3.52
CA VAL A 58 0.63 -3.17 -3.11
C VAL A 58 0.41 -4.11 -4.23
N HIS A 59 0.70 -5.42 -4.00
CA HIS A 59 0.50 -6.41 -5.08
C HIS A 59 -0.96 -6.85 -5.20
N VAL A 60 -1.60 -6.72 -6.41
CA VAL A 60 -3.03 -6.93 -6.73
C VAL A 60 -3.77 -8.21 -6.29
N SER A 61 -3.03 -9.22 -5.79
CA SER A 61 -3.53 -10.47 -5.27
C SER A 61 -3.43 -10.53 -3.73
N GLU A 62 -2.89 -9.49 -3.03
CA GLU A 62 -2.70 -9.43 -1.57
C GLU A 62 -3.96 -9.38 -0.67
N MET A 63 -4.85 -10.40 -0.82
CA MET A 63 -6.05 -10.73 -0.06
C MET A 63 -7.12 -11.27 -0.95
N ASP A 64 -7.80 -10.37 -1.72
CA ASP A 64 -8.98 -10.57 -2.56
C ASP A 64 -10.26 -10.48 -1.71
N TRP A 65 -10.79 -11.69 -1.33
CA TRP A 65 -11.96 -11.99 -0.49
C TRP A 65 -13.32 -11.49 -0.99
N THR A 66 -14.30 -11.36 -0.08
CA THR A 66 -15.63 -10.85 -0.31
C THR A 66 -15.88 -10.15 1.00
N ASN A 67 -16.61 -9.01 0.96
CA ASN A 67 -16.91 -8.12 2.09
C ASN A 67 -15.90 -6.96 2.13
N LYS A 68 -14.83 -7.07 1.31
CA LYS A 68 -13.77 -6.09 1.09
C LYS A 68 -13.67 -5.74 -0.40
N ASN A 69 -14.54 -6.34 -1.28
CA ASN A 69 -14.56 -6.17 -2.74
C ASN A 69 -15.32 -4.91 -3.20
N ILE A 70 -16.01 -4.28 -2.22
CA ILE A 70 -16.88 -3.12 -2.21
C ILE A 70 -16.05 -1.83 -2.11
N HIS A 71 -14.74 -2.05 -1.90
CA HIS A 71 -13.65 -1.11 -1.80
C HIS A 71 -13.13 -0.67 -3.16
N PRO A 72 -13.17 0.65 -3.55
CA PRO A 72 -12.58 1.21 -4.78
C PRO A 72 -11.06 1.05 -4.85
N SER A 73 -10.38 0.89 -3.69
CA SER A 73 -8.96 0.63 -3.51
C SER A 73 -8.58 -0.83 -3.68
N LYS A 74 -9.53 -1.68 -4.17
CA LYS A 74 -9.23 -3.02 -4.69
C LYS A 74 -8.88 -2.92 -6.17
N VAL A 75 -9.31 -1.81 -6.82
CA VAL A 75 -9.07 -1.44 -8.21
C VAL A 75 -8.03 -0.33 -8.21
N VAL A 76 -8.27 0.70 -7.35
CA VAL A 76 -7.44 1.84 -7.00
C VAL A 76 -7.67 3.11 -7.81
N ASN A 77 -7.67 4.23 -7.05
CA ASN A 77 -7.76 5.59 -7.48
C ASN A 77 -6.49 6.26 -6.96
N VAL A 78 -6.05 7.28 -7.71
CA VAL A 78 -4.90 8.13 -7.35
C VAL A 78 -5.34 9.13 -6.27
N GLY A 79 -4.63 9.05 -5.11
CA GLY A 79 -4.98 9.75 -3.87
C GLY A 79 -5.96 9.04 -2.97
N ASP A 80 -6.01 7.67 -2.98
CA ASP A 80 -6.80 6.89 -2.03
C ASP A 80 -5.95 6.54 -0.83
N VAL A 81 -6.54 6.38 0.36
CA VAL A 81 -5.82 5.95 1.56
C VAL A 81 -6.43 4.60 1.99
N VAL A 82 -5.49 3.65 2.22
CA VAL A 82 -5.55 2.22 2.49
C VAL A 82 -4.64 1.95 3.64
N GLU A 83 -4.62 0.66 3.98
CA GLU A 83 -3.75 0.00 4.94
C GLU A 83 -2.94 -0.86 4.03
N VAL A 84 -1.68 -1.13 4.41
CA VAL A 84 -0.85 -1.99 3.54
C VAL A 84 0.00 -2.73 4.53
N MET A 85 0.33 -4.01 4.31
CA MET A 85 1.12 -4.80 5.23
C MET A 85 2.50 -4.93 4.65
N VAL A 86 3.57 -4.89 5.46
CA VAL A 86 4.97 -4.86 4.92
C VAL A 86 5.49 -6.13 4.26
N LEU A 87 6.04 -6.05 3.03
CA LEU A 87 6.70 -7.13 2.38
C LEU A 87 8.04 -6.45 2.11
N ASP A 88 8.57 -6.64 0.92
CA ASP A 88 10.00 -6.58 0.60
C ASP A 88 10.83 -5.34 0.78
N ILE A 89 11.77 -5.44 1.76
CA ILE A 89 12.69 -4.42 2.16
C ILE A 89 14.04 -4.72 1.56
N ASP A 90 14.50 -3.76 0.71
CA ASP A 90 15.74 -3.82 -0.04
C ASP A 90 16.51 -2.66 0.49
N GLU A 91 17.50 -2.94 1.37
CA GLU A 91 18.24 -1.97 2.21
C GLU A 91 19.30 -1.17 1.47
N GLU A 92 19.56 -1.62 0.24
CA GLU A 92 20.43 -1.05 -0.77
C GLU A 92 19.68 -0.08 -1.67
N ARG A 93 18.36 -0.36 -1.95
CA ARG A 93 17.50 0.40 -2.85
C ARG A 93 16.58 1.33 -2.13
N ARG A 94 16.21 0.91 -0.90
CA ARG A 94 15.46 1.63 0.11
C ARG A 94 14.00 1.75 -0.23
N ARG A 95 13.46 0.55 -0.55
CA ARG A 95 12.10 0.25 -0.94
C ARG A 95 11.59 -0.81 0.02
N ILE A 96 10.39 -0.64 0.58
CA ILE A 96 9.69 -1.50 1.54
C ILE A 96 8.51 -2.00 0.76
N SER A 97 8.17 -3.34 0.68
CA SER A 97 7.13 -3.57 -0.36
C SER A 97 5.86 -3.74 0.36
N LEU A 98 5.06 -2.67 0.54
CA LEU A 98 3.95 -2.80 1.44
C LEU A 98 2.74 -3.10 0.62
N GLY A 99 1.92 -4.05 1.07
CA GLY A 99 0.71 -4.38 0.32
C GLY A 99 -0.35 -4.91 1.24
N LEU A 100 -1.54 -4.24 1.21
CA LEU A 100 -2.81 -4.58 1.84
C LEU A 100 -3.94 -4.24 0.89
N LYS A 101 -4.53 -3.00 1.00
CA LYS A 101 -5.66 -2.48 0.21
C LYS A 101 -6.94 -2.30 1.02
N GLN A 102 -6.86 -2.23 2.38
CA GLN A 102 -8.01 -2.05 3.24
C GLN A 102 -8.14 -0.62 3.73
N CYS A 103 -8.72 0.22 2.85
CA CYS A 103 -9.14 1.62 2.87
C CYS A 103 -9.63 2.29 4.16
N LYS A 104 -9.51 3.64 4.11
CA LYS A 104 -9.92 4.64 5.08
C LYS A 104 -11.43 4.91 5.11
N ALA A 105 -11.90 5.63 6.17
CA ALA A 105 -13.28 6.04 6.36
C ALA A 105 -13.40 7.49 5.92
N ASN A 106 -13.68 7.62 4.60
CA ASN A 106 -13.79 8.80 3.77
C ASN A 106 -12.39 9.17 3.23
N PRO A 107 -11.78 8.40 2.28
CA PRO A 107 -10.40 8.57 1.78
C PRO A 107 -10.03 9.91 1.12
N TRP A 108 -11.02 10.77 0.77
CA TRP A 108 -10.85 12.04 0.10
C TRP A 108 -11.46 13.16 0.94
N GLN A 109 -11.54 13.02 2.30
CA GLN A 109 -12.20 13.99 3.19
C GLN A 109 -11.46 15.32 3.45
N GLN A 110 -11.22 16.09 2.36
CA GLN A 110 -10.56 17.38 2.27
C GLN A 110 -11.43 18.61 2.62
N PHE A 111 -11.72 18.79 3.94
CA PHE A 111 -12.39 19.95 4.56
C PHE A 111 -13.89 20.16 4.30
N ALA A 112 -14.73 19.74 5.29
CA ALA A 112 -16.20 19.77 5.33
C ALA A 112 -16.69 18.35 5.06
N GLU A 113 -17.67 18.15 4.15
CA GLU A 113 -18.18 16.83 3.77
C GLU A 113 -17.47 16.27 2.55
N THR A 114 -17.43 17.08 1.45
CA THR A 114 -16.91 16.89 0.09
C THR A 114 -18.07 16.91 -0.88
N HIS A 115 -17.92 17.70 -1.96
CA HIS A 115 -18.88 17.94 -3.02
C HIS A 115 -18.14 18.92 -3.95
N TRP A 21 28.19 4.34 4.60
CA TRP A 21 26.98 3.92 3.80
C TRP A 21 25.75 4.52 4.47
N VAL A 22 24.63 3.78 4.54
CA VAL A 22 23.34 4.19 5.11
C VAL A 22 23.27 3.98 6.63
N ALA A 23 22.99 5.08 7.41
CA ALA A 23 22.87 5.06 8.88
C ALA A 23 21.41 5.07 9.39
N ILE A 24 20.46 5.03 8.44
CA ILE A 24 19.01 4.99 8.63
C ILE A 24 18.46 3.79 7.85
N ALA A 25 19.32 2.75 7.72
CA ALA A 25 19.12 1.50 6.98
C ALA A 25 18.02 0.60 7.52
N LYS A 26 16.95 0.42 6.71
CA LYS A 26 15.76 -0.32 7.06
C LYS A 26 15.74 -1.75 6.53
N ARG A 27 15.07 -2.67 7.28
CA ARG A 27 14.84 -4.06 6.92
C ARG A 27 13.57 -4.51 7.55
N TYR A 28 13.44 -4.14 8.84
CA TYR A 28 12.23 -4.25 9.64
C TYR A 28 11.88 -5.68 10.10
N PRO A 29 10.87 -5.90 10.99
CA PRO A 29 10.29 -7.21 11.33
C PRO A 29 9.64 -7.92 10.12
N GLU A 30 8.77 -7.21 9.33
CA GLU A 30 8.09 -7.63 8.11
C GLU A 30 6.83 -8.45 8.36
N GLY A 31 5.65 -8.04 7.78
CA GLY A 31 4.38 -8.73 8.10
C GLY A 31 3.61 -8.04 9.18
N THR A 32 4.15 -6.84 9.43
CA THR A 32 3.74 -5.73 10.26
C THR A 32 3.05 -4.80 9.28
N LYS A 33 1.91 -4.20 9.65
CA LYS A 33 1.12 -3.38 8.75
C LYS A 33 1.26 -1.91 9.02
N LEU A 34 1.03 -1.12 7.95
CA LEU A 34 1.10 0.35 8.08
C LEU A 34 -0.03 0.97 7.37
N THR A 35 -0.16 2.28 7.51
CA THR A 35 -1.12 3.08 6.75
C THR A 35 -0.32 3.86 5.71
N GLY A 36 -0.87 3.93 4.49
CA GLY A 36 -0.32 4.74 3.38
C GLY A 36 -1.39 5.35 2.55
N ARG A 37 -0.94 6.14 1.57
CA ARG A 37 -1.83 6.83 0.65
C ARG A 37 -1.36 6.53 -0.75
N VAL A 38 -2.32 6.14 -1.63
CA VAL A 38 -2.07 5.61 -2.98
C VAL A 38 -1.82 6.68 -4.04
N THR A 39 -0.68 6.50 -4.76
CA THR A 39 -0.13 7.43 -5.74
C THR A 39 -0.27 6.94 -7.17
N ASN A 40 0.18 5.69 -7.48
CA ASN A 40 0.26 5.23 -8.87
C ASN A 40 -0.32 3.87 -9.03
N LEU A 41 -0.41 3.38 -10.28
CA LEU A 41 -0.67 1.99 -10.56
C LEU A 41 0.49 1.47 -11.34
N THR A 42 0.73 0.15 -11.16
CA THR A 42 1.77 -0.62 -11.86
C THR A 42 1.04 -1.60 -12.76
N ASP A 43 1.79 -2.42 -13.56
CA ASP A 43 1.28 -3.47 -14.47
C ASP A 43 0.71 -4.69 -13.74
N TYR A 44 1.18 -4.91 -12.48
CA TYR A 44 0.68 -5.95 -11.60
C TYR A 44 0.85 -5.51 -10.18
N GLY A 45 0.47 -4.25 -9.95
CA GLY A 45 0.31 -3.82 -8.58
C GLY A 45 -0.10 -2.41 -8.64
N CYS A 46 0.01 -1.73 -7.49
CA CYS A 46 -0.23 -0.31 -7.37
C CYS A 46 0.74 0.27 -6.38
N PHE A 47 1.11 1.56 -6.54
CA PHE A 47 2.13 2.16 -5.67
C PHE A 47 1.46 2.97 -4.59
N VAL A 48 1.80 2.62 -3.32
CA VAL A 48 1.26 3.23 -2.12
C VAL A 48 2.36 4.02 -1.52
N GLU A 49 2.11 5.28 -1.14
CA GLU A 49 3.15 6.08 -0.50
C GLU A 49 3.01 6.15 1.02
N ILE A 50 4.08 5.71 1.76
CA ILE A 50 4.15 5.78 3.24
C ILE A 50 4.75 7.11 3.71
N GLU A 51 4.12 8.25 3.28
CA GLU A 51 4.56 9.64 3.48
C GLU A 51 5.69 9.98 2.51
N GLU A 52 6.08 11.26 2.40
CA GLU A 52 7.15 11.64 1.48
C GLU A 52 8.58 11.11 1.85
N GLY A 53 9.19 10.30 0.96
CA GLY A 53 10.51 9.69 1.08
C GLY A 53 10.52 8.19 1.12
N VAL A 54 9.46 7.64 1.69
CA VAL A 54 9.24 6.20 1.86
C VAL A 54 8.00 5.78 1.08
N GLU A 55 8.08 4.75 0.22
CA GLU A 55 6.93 4.32 -0.55
C GLU A 55 6.98 2.82 -0.60
N GLY A 56 5.79 2.25 -0.86
CA GLY A 56 5.62 0.83 -1.14
C GLY A 56 4.82 0.53 -2.35
N LEU A 57 4.78 -0.77 -2.69
CA LEU A 57 4.10 -1.36 -3.84
C LEU A 57 3.14 -2.35 -3.32
N VAL A 58 1.83 -2.17 -3.63
CA VAL A 58 0.79 -3.13 -3.29
C VAL A 58 0.72 -4.14 -4.38
N HIS A 59 1.07 -5.41 -4.06
CA HIS A 59 1.03 -6.49 -5.05
C HIS A 59 -0.41 -6.90 -5.38
N VAL A 60 -0.90 -6.72 -6.64
CA VAL A 60 -2.27 -6.94 -7.18
C VAL A 60 -3.19 -8.03 -6.58
N SER A 61 -2.65 -9.26 -6.34
CA SER A 61 -3.36 -10.38 -5.69
C SER A 61 -3.20 -10.42 -4.17
N GLU A 62 -2.43 -9.49 -3.56
CA GLU A 62 -2.24 -9.37 -2.11
C GLU A 62 -3.12 -8.25 -1.57
N MET A 63 -4.47 -8.40 -1.61
CA MET A 63 -5.41 -7.41 -1.10
C MET A 63 -6.23 -7.94 0.08
N ASP A 64 -6.16 -9.28 0.37
CA ASP A 64 -6.94 -10.04 1.36
C ASP A 64 -8.10 -10.69 0.62
N TRP A 65 -9.23 -9.94 0.44
CA TRP A 65 -10.38 -10.38 -0.33
C TRP A 65 -10.25 -9.94 -1.78
N THR A 66 -9.57 -10.75 -2.61
CA THR A 66 -9.37 -10.46 -4.03
C THR A 66 -9.43 -11.75 -4.80
N ASN A 67 -8.98 -11.70 -6.07
CA ASN A 67 -9.00 -12.74 -7.11
C ASN A 67 -10.40 -12.85 -7.75
N LYS A 68 -11.46 -13.01 -6.90
CA LYS A 68 -12.89 -13.08 -7.26
C LYS A 68 -13.50 -11.69 -7.53
N ASN A 69 -12.71 -10.63 -7.20
CA ASN A 69 -12.95 -9.20 -7.34
C ASN A 69 -12.50 -8.69 -8.71
N ILE A 70 -11.65 -9.45 -9.46
CA ILE A 70 -11.08 -9.29 -10.81
C ILE A 70 -10.24 -8.03 -11.08
N HIS A 71 -10.66 -6.89 -10.49
CA HIS A 71 -10.02 -5.60 -10.63
C HIS A 71 -9.81 -4.96 -9.25
N PRO A 72 -8.62 -4.97 -8.60
CA PRO A 72 -8.36 -4.20 -7.36
C PRO A 72 -8.32 -2.68 -7.61
N SER A 73 -8.16 -2.28 -8.90
CA SER A 73 -8.07 -0.94 -9.45
C SER A 73 -9.40 -0.23 -9.70
N LYS A 74 -10.55 -0.86 -9.35
CA LYS A 74 -11.85 -0.19 -9.36
C LYS A 74 -12.35 0.04 -7.92
N VAL A 75 -11.60 -0.51 -6.92
CA VAL A 75 -11.83 -0.38 -5.48
C VAL A 75 -10.84 0.63 -4.89
N VAL A 76 -9.53 0.47 -5.23
CA VAL A 76 -8.43 1.36 -4.87
C VAL A 76 -8.15 2.33 -6.03
N ASN A 77 -8.36 3.63 -5.75
CA ASN A 77 -8.15 4.75 -6.64
C ASN A 77 -6.90 5.50 -6.26
N VAL A 78 -6.50 6.36 -7.23
CA VAL A 78 -5.38 7.29 -7.14
C VAL A 78 -5.85 8.50 -6.31
N GLY A 79 -5.12 8.77 -5.19
CA GLY A 79 -5.49 9.75 -4.17
C GLY A 79 -6.32 9.18 -3.04
N ASP A 80 -6.33 7.83 -2.93
CA ASP A 80 -7.00 7.04 -1.90
C ASP A 80 -6.07 6.78 -0.72
N VAL A 81 -6.68 6.35 0.41
CA VAL A 81 -6.01 6.00 1.67
C VAL A 81 -6.41 4.57 1.96
N VAL A 82 -5.37 3.71 2.14
CA VAL A 82 -5.45 2.26 2.33
C VAL A 82 -4.52 1.92 3.48
N GLU A 83 -4.65 0.69 4.04
CA GLU A 83 -3.81 0.17 5.11
C GLU A 83 -3.12 -0.95 4.42
N VAL A 84 -1.81 -1.08 4.62
CA VAL A 84 -1.02 -1.99 3.80
C VAL A 84 -0.26 -2.80 4.75
N MET A 85 0.30 -3.94 4.32
CA MET A 85 1.07 -4.75 5.26
C MET A 85 2.39 -5.00 4.60
N VAL A 86 3.50 -4.91 5.36
CA VAL A 86 4.84 -4.88 4.76
C VAL A 86 5.44 -6.16 4.29
N LEU A 87 6.00 -6.18 3.04
CA LEU A 87 6.69 -7.30 2.51
C LEU A 87 8.03 -6.62 2.19
N ASP A 88 8.55 -6.87 1.02
CA ASP A 88 9.98 -6.77 0.72
C ASP A 88 10.68 -5.44 0.64
N ILE A 89 11.57 -5.21 1.64
CA ILE A 89 12.41 -4.07 1.79
C ILE A 89 13.77 -4.42 1.22
N ASP A 90 14.09 -3.75 0.09
CA ASP A 90 15.30 -3.86 -0.73
C ASP A 90 16.24 -2.86 -0.16
N GLU A 91 17.25 -3.32 0.63
CA GLU A 91 18.09 -2.49 1.51
C GLU A 91 19.21 -1.73 0.79
N GLU A 92 19.25 -2.01 -0.51
CA GLU A 92 20.07 -1.43 -1.56
C GLU A 92 19.43 -0.16 -2.12
N ARG A 93 18.09 -0.22 -2.34
CA ARG A 93 17.25 0.82 -2.95
C ARG A 93 16.49 1.64 -1.92
N ARG A 94 16.04 0.89 -0.90
CA ARG A 94 15.28 1.17 0.31
C ARG A 94 13.82 1.38 0.08
N ARG A 95 13.23 0.40 -0.63
CA ARG A 95 11.83 0.34 -1.01
C ARG A 95 11.23 -0.88 -0.34
N ILE A 96 10.12 -0.70 0.43
CA ILE A 96 9.34 -1.60 1.30
C ILE A 96 8.25 -2.22 0.51
N SER A 97 7.98 -3.58 0.51
CA SER A 97 6.94 -3.90 -0.50
C SER A 97 5.68 -4.11 0.26
N LEU A 98 4.84 -3.07 0.45
CA LEU A 98 3.69 -3.27 1.30
C LEU A 98 2.46 -3.44 0.46
N GLY A 99 1.65 -4.42 0.85
CA GLY A 99 0.47 -4.83 0.01
C GLY A 99 -0.74 -4.88 0.89
N LEU A 100 -1.93 -4.38 0.42
CA LEU A 100 -3.10 -4.00 1.21
C LEU A 100 -3.84 -4.86 2.24
N LYS A 101 -4.66 -4.18 3.13
CA LYS A 101 -5.43 -4.86 4.18
C LYS A 101 -6.93 -4.52 4.11
N GLN A 102 -7.26 -3.19 4.00
CA GLN A 102 -8.63 -2.71 3.87
C GLN A 102 -8.90 -1.82 2.65
N CYS A 103 -8.65 -0.49 2.78
CA CYS A 103 -8.92 0.65 1.90
C CYS A 103 -9.99 1.48 2.59
N LYS A 104 -9.99 2.83 2.47
CA LYS A 104 -11.06 3.64 3.04
C LYS A 104 -12.14 3.94 2.01
N ALA A 105 -13.43 3.70 2.39
CA ALA A 105 -14.64 3.91 1.60
C ALA A 105 -15.26 5.28 1.89
N ASN A 106 -14.56 6.27 1.32
CA ASN A 106 -14.65 7.72 1.35
C ASN A 106 -13.23 8.14 1.77
N PRO A 107 -12.18 7.93 0.95
CA PRO A 107 -10.78 8.21 1.32
C PRO A 107 -10.45 9.71 1.32
N TRP A 108 -11.16 10.49 0.49
CA TRP A 108 -10.96 11.91 0.28
C TRP A 108 -12.18 12.65 0.80
N GLN A 109 -12.79 13.50 -0.05
CA GLN A 109 -13.91 14.37 0.21
C GLN A 109 -15.05 14.03 -0.74
N GLN A 110 -16.30 14.02 -0.21
CA GLN A 110 -17.52 13.80 -0.99
C GLN A 110 -18.69 14.34 -0.18
N PHE A 111 -18.62 15.65 0.20
CA PHE A 111 -19.55 16.39 1.06
C PHE A 111 -20.91 16.80 0.44
N ALA A 112 -21.57 15.84 -0.25
CA ALA A 112 -22.88 16.00 -0.86
C ALA A 112 -23.56 14.65 -0.78
N GLU A 113 -24.05 14.29 0.43
CA GLU A 113 -24.70 13.01 0.73
C GLU A 113 -26.07 13.23 1.42
N THR A 114 -26.31 12.65 2.61
CA THR A 114 -27.58 12.73 3.33
C THR A 114 -27.30 12.90 4.83
N HIS A 115 -26.22 13.63 5.18
CA HIS A 115 -25.85 13.84 6.55
C HIS A 115 -24.87 15.02 6.60
N TRP A 21 16.06 -1.70 18.20
CA TRP A 21 15.30 -1.86 16.91
C TRP A 21 14.01 -2.60 17.17
N VAL A 22 13.68 -3.54 16.26
CA VAL A 22 12.53 -4.41 16.17
C VAL A 22 12.96 -5.77 16.76
N ALA A 23 12.01 -6.66 17.15
CA ALA A 23 12.31 -7.96 17.77
C ALA A 23 12.36 -9.16 16.82
N ILE A 24 12.37 -8.91 15.50
CA ILE A 24 12.42 -9.95 14.48
C ILE A 24 12.83 -9.28 13.18
N ALA A 25 13.49 -10.06 12.29
CA ALA A 25 13.89 -9.74 10.94
C ALA A 25 15.23 -9.01 10.81
N LYS A 26 15.20 -7.70 10.45
CA LYS A 26 16.41 -6.92 10.21
C LYS A 26 16.25 -5.47 10.53
N ARG A 27 15.54 -4.82 9.60
CA ARG A 27 15.25 -3.40 9.53
C ARG A 27 13.80 -3.17 9.85
N TYR A 28 12.94 -3.59 8.92
CA TYR A 28 11.48 -3.62 9.05
C TYR A 28 11.12 -5.03 9.57
N PRO A 29 10.01 -5.26 10.32
CA PRO A 29 9.62 -6.58 10.84
C PRO A 29 9.07 -7.49 9.73
N GLU A 30 8.25 -6.94 8.79
CA GLU A 30 7.63 -7.60 7.64
C GLU A 30 6.39 -8.41 8.00
N GLY A 31 5.18 -7.96 7.58
CA GLY A 31 3.94 -8.69 7.94
C GLY A 31 3.15 -8.00 9.00
N THR A 32 3.63 -6.80 9.27
CA THR A 32 3.05 -5.73 10.09
C THR A 32 2.42 -4.83 9.03
N LYS A 33 1.22 -4.28 9.26
CA LYS A 33 0.51 -3.52 8.24
C LYS A 33 0.72 -2.05 8.42
N LEU A 34 0.77 -1.33 7.29
CA LEU A 34 0.99 0.13 7.40
C LEU A 34 0.10 0.84 6.43
N THR A 35 -0.43 2.01 6.83
CA THR A 35 -1.31 2.85 6.01
C THR A 35 -0.50 3.72 5.05
N GLY A 36 -1.04 3.90 3.83
CA GLY A 36 -0.46 4.77 2.81
C GLY A 36 -1.46 5.27 1.83
N ARG A 37 -0.98 6.17 0.95
CA ARG A 37 -1.76 6.88 -0.05
C ARG A 37 -1.23 6.52 -1.41
N VAL A 38 -2.10 6.14 -2.38
CA VAL A 38 -1.64 5.70 -3.72
C VAL A 38 -1.20 6.79 -4.71
N THR A 39 -0.01 6.51 -5.34
CA THR A 39 0.71 7.45 -6.21
C THR A 39 1.00 6.98 -7.65
N ASN A 40 1.38 5.69 -7.94
CA ASN A 40 1.52 5.22 -9.34
C ASN A 40 0.81 3.88 -9.37
N LEU A 41 0.49 3.27 -10.53
CA LEU A 41 -0.25 2.00 -10.58
C LEU A 41 0.43 0.85 -11.28
N THR A 42 0.04 -0.40 -10.85
CA THR A 42 0.51 -1.64 -11.46
C THR A 42 -0.71 -2.30 -12.09
N ASP A 43 -0.59 -3.47 -12.76
CA ASP A 43 -1.72 -4.17 -13.40
C ASP A 43 -2.76 -4.82 -12.46
N TYR A 44 -2.27 -5.23 -11.28
CA TYR A 44 -2.91 -5.86 -10.13
C TYR A 44 -2.00 -5.52 -8.99
N GLY A 45 -1.73 -4.23 -8.86
CA GLY A 45 -1.00 -3.77 -7.71
C GLY A 45 -1.01 -2.30 -7.95
N CYS A 46 -0.23 -1.60 -7.16
CA CYS A 46 0.00 -0.18 -7.32
C CYS A 46 1.20 0.21 -6.51
N PHE A 47 1.67 1.48 -6.66
CA PHE A 47 2.76 2.03 -5.87
C PHE A 47 2.08 2.93 -4.87
N VAL A 48 2.29 2.60 -3.56
CA VAL A 48 1.61 3.25 -2.46
C VAL A 48 2.60 4.10 -1.75
N GLU A 49 2.29 5.35 -1.38
CA GLU A 49 3.24 6.14 -0.56
C GLU A 49 2.85 6.13 0.92
N ILE A 50 3.73 5.65 1.84
CA ILE A 50 3.44 5.53 3.29
C ILE A 50 3.26 6.82 4.08
N GLU A 51 4.41 7.30 4.53
CA GLU A 51 4.70 8.47 5.32
C GLU A 51 5.95 8.94 4.67
N GLU A 52 6.40 10.19 4.96
CA GLU A 52 7.56 10.81 4.32
C GLU A 52 8.91 10.03 4.41
N GLY A 53 9.49 9.67 3.22
CA GLY A 53 10.73 8.90 3.05
C GLY A 53 10.54 7.46 2.75
N VAL A 54 9.32 6.99 3.01
CA VAL A 54 8.88 5.61 2.87
C VAL A 54 7.78 5.48 1.81
N GLU A 55 8.01 4.65 0.77
CA GLU A 55 7.01 4.35 -0.22
C GLU A 55 7.02 2.86 -0.29
N GLY A 56 5.85 2.30 -0.65
CA GLY A 56 5.66 0.87 -0.93
C GLY A 56 5.18 0.56 -2.30
N LEU A 57 5.15 -0.75 -2.56
CA LEU A 57 4.60 -1.36 -3.75
C LEU A 57 3.61 -2.37 -3.30
N VAL A 58 2.34 -2.23 -3.73
CA VAL A 58 1.37 -3.28 -3.46
C VAL A 58 1.42 -4.30 -4.54
N HIS A 59 1.72 -5.52 -4.06
CA HIS A 59 1.42 -6.77 -4.61
C HIS A 59 0.03 -7.19 -4.16
N VAL A 60 -0.94 -7.18 -5.13
CA VAL A 60 -2.25 -7.85 -4.97
C VAL A 60 -1.97 -9.18 -5.64
N SER A 61 -1.67 -9.03 -6.95
CA SER A 61 -1.22 -10.10 -7.77
C SER A 61 -0.23 -9.43 -8.70
N GLU A 62 0.65 -8.48 -8.15
CA GLU A 62 1.58 -7.58 -8.84
C GLU A 62 2.68 -8.34 -9.63
N MET A 63 2.24 -9.00 -10.74
CA MET A 63 2.99 -9.78 -11.68
C MET A 63 2.82 -9.20 -13.10
N ASP A 64 2.44 -10.01 -14.10
CA ASP A 64 2.43 -9.69 -15.54
C ASP A 64 1.08 -10.05 -16.16
N TRP A 65 0.06 -10.12 -15.30
CA TRP A 65 -1.30 -10.53 -15.61
C TRP A 65 -2.34 -9.42 -15.85
N THR A 66 -3.40 -9.77 -16.63
CA THR A 66 -4.65 -9.05 -16.92
C THR A 66 -5.62 -10.21 -17.14
N ASN A 67 -6.94 -9.96 -16.94
CA ASN A 67 -8.06 -10.89 -16.94
C ASN A 67 -9.09 -10.15 -16.11
N LYS A 68 -8.66 -9.69 -14.91
CA LYS A 68 -9.45 -8.90 -13.97
C LYS A 68 -8.94 -7.47 -13.86
N ASN A 69 -8.27 -6.86 -14.90
CA ASN A 69 -7.85 -5.44 -14.93
C ASN A 69 -9.02 -4.43 -14.99
N ILE A 70 -10.22 -5.00 -15.23
CA ILE A 70 -11.55 -4.48 -15.36
C ILE A 70 -12.21 -4.28 -13.99
N HIS A 71 -11.64 -4.89 -12.90
CA HIS A 71 -12.08 -4.75 -11.51
C HIS A 71 -11.45 -3.49 -10.88
N PRO A 72 -12.19 -2.43 -10.44
CA PRO A 72 -11.66 -1.16 -9.89
C PRO A 72 -10.79 -1.28 -8.64
N SER A 73 -10.92 -2.42 -7.91
CA SER A 73 -10.16 -2.82 -6.75
C SER A 73 -8.79 -3.43 -7.09
N LYS A 74 -8.58 -3.91 -8.36
CA LYS A 74 -7.32 -4.44 -8.88
C LYS A 74 -6.45 -3.35 -9.49
N VAL A 75 -7.12 -2.20 -9.76
CA VAL A 75 -6.54 -1.01 -10.32
C VAL A 75 -6.29 0.00 -9.22
N VAL A 76 -7.36 0.62 -8.64
CA VAL A 76 -7.38 1.64 -7.59
C VAL A 76 -7.27 3.05 -8.14
N ASN A 77 -7.67 4.04 -7.31
CA ASN A 77 -7.68 5.46 -7.67
C ASN A 77 -6.39 6.11 -7.22
N VAL A 78 -5.94 7.09 -8.05
CA VAL A 78 -4.78 7.94 -7.78
C VAL A 78 -5.24 9.01 -6.78
N GLY A 79 -4.55 9.02 -5.62
CA GLY A 79 -4.92 9.78 -4.43
C GLY A 79 -5.95 9.15 -3.51
N ASP A 80 -6.12 7.80 -3.54
CA ASP A 80 -6.94 7.05 -2.58
C ASP A 80 -6.05 6.62 -1.41
N VAL A 81 -6.55 6.72 -0.16
CA VAL A 81 -5.82 6.26 1.02
C VAL A 81 -6.31 4.85 1.36
N VAL A 82 -5.30 3.96 1.52
CA VAL A 82 -5.28 2.51 1.73
C VAL A 82 -4.39 2.15 2.89
N GLU A 83 -4.36 0.82 3.08
CA GLU A 83 -3.60 0.09 4.04
C GLU A 83 -2.82 -0.87 3.21
N VAL A 84 -1.55 -1.14 3.57
CA VAL A 84 -0.73 -2.09 2.76
C VAL A 84 0.16 -2.79 3.76
N MET A 85 0.41 -4.12 3.65
CA MET A 85 1.15 -4.87 4.65
C MET A 85 2.60 -5.01 4.27
N VAL A 86 3.54 -4.71 5.19
CA VAL A 86 4.97 -4.54 4.81
C VAL A 86 5.77 -5.78 4.46
N LEU A 87 6.39 -5.83 3.24
CA LEU A 87 7.11 -6.94 2.76
C LEU A 87 8.46 -6.33 2.46
N ASP A 88 8.96 -6.59 1.26
CA ASP A 88 10.39 -6.51 0.88
C ASP A 88 11.20 -5.24 1.02
N ILE A 89 12.19 -5.26 1.95
CA ILE A 89 13.02 -4.13 2.34
C ILE A 89 14.45 -4.27 1.83
N ASP A 90 14.82 -3.34 0.91
CA ASP A 90 16.11 -3.26 0.21
C ASP A 90 16.68 -1.90 0.46
N GLU A 91 17.89 -1.80 1.09
CA GLU A 91 18.56 -0.54 1.47
C GLU A 91 19.44 0.06 0.39
N GLU A 92 19.60 -0.69 -0.71
CA GLU A 92 20.33 -0.34 -1.93
C GLU A 92 19.40 0.34 -2.94
N ARG A 93 18.14 -0.16 -2.93
CA ARG A 93 16.97 0.15 -3.73
C ARG A 93 16.13 1.25 -3.14
N ARG A 94 15.91 1.09 -1.83
CA ARG A 94 15.21 1.92 -0.86
C ARG A 94 13.71 1.84 -1.02
N ARG A 95 13.27 0.57 -1.01
CA ARG A 95 11.91 0.11 -1.13
C ARG A 95 11.62 -0.78 0.05
N ILE A 96 10.46 -0.60 0.73
CA ILE A 96 9.90 -1.47 1.78
C ILE A 96 8.74 -1.99 1.01
N SER A 97 8.45 -3.34 0.91
CA SER A 97 7.48 -3.59 -0.19
C SER A 97 6.16 -3.81 0.42
N LEU A 98 5.32 -2.76 0.57
CA LEU A 98 4.10 -2.98 1.32
C LEU A 98 2.96 -3.23 0.41
N GLY A 99 2.13 -4.24 0.75
CA GLY A 99 0.99 -4.58 -0.12
C GLY A 99 -0.19 -5.09 0.66
N LEU A 100 -1.38 -4.42 0.52
CA LEU A 100 -2.68 -4.70 1.11
C LEU A 100 -3.84 -4.39 0.19
N LYS A 101 -4.48 -3.19 0.38
CA LYS A 101 -5.66 -2.73 -0.38
C LYS A 101 -7.05 -3.19 0.09
N GLN A 102 -7.49 -2.69 1.27
CA GLN A 102 -8.87 -2.83 1.75
C GLN A 102 -9.53 -1.46 1.94
N CYS A 103 -8.71 -0.37 1.86
CA CYS A 103 -9.02 1.05 1.93
C CYS A 103 -9.28 1.62 3.32
N LYS A 104 -9.37 2.98 3.37
CA LYS A 104 -9.65 3.81 4.54
C LYS A 104 -11.14 4.09 4.69
N ALA A 105 -11.54 4.69 5.83
CA ALA A 105 -12.89 5.05 6.20
C ALA A 105 -13.15 6.50 5.84
N ASN A 106 -13.41 6.69 4.52
CA ASN A 106 -13.54 7.91 3.73
C ASN A 106 -12.23 8.15 2.96
N PRO A 107 -11.81 7.44 1.87
CA PRO A 107 -10.51 7.63 1.17
C PRO A 107 -10.20 8.98 0.48
N TRP A 108 -10.93 10.10 0.73
CA TRP A 108 -10.84 11.37 0.01
C TRP A 108 -9.82 12.37 0.59
N GLN A 109 -9.96 13.68 0.24
CA GLN A 109 -9.04 14.74 0.63
C GLN A 109 -9.83 15.98 1.03
N GLN A 110 -11.12 15.82 1.41
CA GLN A 110 -12.05 16.88 1.78
C GLN A 110 -11.83 17.47 3.18
N PHE A 111 -10.76 18.30 3.27
CA PHE A 111 -10.28 19.12 4.38
C PHE A 111 -9.80 18.43 5.64
N ALA A 112 -10.72 17.72 6.34
CA ALA A 112 -10.46 17.04 7.60
C ALA A 112 -10.75 15.57 7.40
N GLU A 113 -9.70 14.75 7.30
CA GLU A 113 -9.75 13.32 7.00
C GLU A 113 -9.38 12.44 8.18
N THR A 114 -9.89 11.17 8.15
CA THR A 114 -9.76 10.02 9.07
C THR A 114 -8.34 9.45 9.33
N HIS A 115 -7.35 10.36 9.50
CA HIS A 115 -5.91 10.22 9.72
C HIS A 115 -5.16 10.83 8.52
N TRP A 21 20.58 0.31 9.87
CA TRP A 21 20.11 -0.96 9.22
C TRP A 21 21.28 -1.81 8.76
N VAL A 22 21.00 -3.02 8.20
CA VAL A 22 21.95 -3.99 7.68
C VAL A 22 21.84 -3.92 6.17
N ALA A 23 22.96 -4.03 5.38
CA ALA A 23 22.95 -3.95 3.91
C ALA A 23 22.29 -5.10 3.15
N ILE A 24 22.19 -6.25 3.83
CA ILE A 24 21.56 -7.51 3.42
C ILE A 24 20.77 -8.05 4.62
N ALA A 25 20.56 -9.40 4.63
CA ALA A 25 19.96 -10.23 5.66
C ALA A 25 18.44 -10.13 5.75
N LYS A 26 18.01 -9.14 6.54
CA LYS A 26 16.65 -8.70 6.78
C LYS A 26 16.76 -7.51 7.72
N ARG A 27 15.98 -6.44 7.45
CA ARG A 27 16.03 -5.17 8.15
C ARG A 27 14.72 -4.81 8.83
N TYR A 28 13.84 -5.80 9.14
CA TYR A 28 12.52 -5.50 9.67
C TYR A 28 11.80 -6.75 10.22
N PRO A 29 10.75 -6.63 11.07
CA PRO A 29 9.78 -7.69 11.33
C PRO A 29 8.68 -7.60 10.24
N GLU A 30 8.78 -8.42 9.15
CA GLU A 30 7.89 -8.51 7.97
C GLU A 30 6.51 -9.07 8.25
N GLY A 31 5.39 -8.51 7.67
CA GLY A 31 4.07 -9.12 7.90
C GLY A 31 3.33 -8.49 9.03
N THR A 32 3.89 -7.31 9.33
CA THR A 32 3.48 -6.21 10.20
C THR A 32 2.76 -5.33 9.21
N LYS A 33 1.70 -4.61 9.60
CA LYS A 33 0.99 -3.78 8.65
C LYS A 33 1.26 -2.33 8.93
N LEU A 34 1.14 -1.59 7.82
CA LEU A 34 1.44 -0.18 7.73
C LEU A 34 0.24 0.50 7.21
N THR A 35 0.36 1.83 7.19
CA THR A 35 -0.60 2.71 6.58
C THR A 35 0.21 3.40 5.50
N GLY A 36 -0.40 3.57 4.32
CA GLY A 36 0.16 4.39 3.24
C GLY A 36 -0.90 4.83 2.32
N ARG A 37 -0.50 5.76 1.42
CA ARG A 37 -1.37 6.45 0.50
C ARG A 37 -0.96 6.10 -0.89
N VAL A 38 -1.90 5.79 -1.79
CA VAL A 38 -1.60 5.28 -3.13
C VAL A 38 -1.38 6.35 -4.16
N THR A 39 -0.28 6.20 -4.92
CA THR A 39 0.17 7.26 -5.83
C THR A 39 0.43 6.89 -7.29
N ASN A 40 0.93 5.66 -7.64
CA ASN A 40 1.11 5.34 -9.07
C ASN A 40 0.53 3.95 -9.31
N LEU A 41 0.42 3.42 -10.54
CA LEU A 41 -0.05 2.05 -10.77
C LEU A 41 0.96 1.20 -11.48
N THR A 42 0.88 -0.13 -11.18
CA THR A 42 1.68 -1.19 -11.78
C THR A 42 0.73 -2.05 -12.60
N ASP A 43 1.26 -3.09 -13.30
CA ASP A 43 0.53 -4.08 -14.10
C ASP A 43 -0.38 -5.03 -13.31
N TYR A 44 0.01 -5.28 -12.04
CA TYR A 44 -0.72 -6.09 -11.09
C TYR A 44 -0.45 -5.60 -9.70
N GLY A 45 -0.47 -4.26 -9.59
CA GLY A 45 -0.54 -3.65 -8.29
C GLY A 45 -0.58 -2.19 -8.47
N CYS A 46 -0.46 -1.48 -7.37
CA CYS A 46 -0.47 -0.04 -7.33
C CYS A 46 0.67 0.34 -6.43
N PHE A 47 1.35 1.48 -6.67
CA PHE A 47 2.45 1.91 -5.82
C PHE A 47 1.91 2.81 -4.73
N VAL A 48 2.24 2.43 -3.46
CA VAL A 48 1.80 3.07 -2.26
C VAL A 48 2.93 3.95 -1.80
N GLU A 49 2.65 5.16 -1.34
CA GLU A 49 3.69 5.94 -0.68
C GLU A 49 3.48 5.81 0.84
N ILE A 50 4.50 5.34 1.61
CA ILE A 50 4.36 5.18 3.10
C ILE A 50 4.14 6.45 3.90
N GLU A 51 5.22 7.20 3.87
CA GLU A 51 5.51 8.50 4.40
C GLU A 51 6.18 9.09 3.21
N GLU A 52 6.29 10.43 3.13
CA GLU A 52 6.90 11.08 1.95
C GLU A 52 8.40 10.75 1.73
N GLY A 53 8.72 10.13 0.55
CA GLY A 53 10.07 9.77 0.12
C GLY A 53 10.42 8.32 0.22
N VAL A 54 9.59 7.53 0.90
CA VAL A 54 9.67 6.07 1.03
C VAL A 54 8.41 5.50 0.38
N GLU A 55 8.51 4.33 -0.28
CA GLU A 55 7.39 3.77 -1.01
C GLU A 55 7.27 2.28 -0.83
N GLY A 56 5.99 1.86 -1.01
CA GLY A 56 5.45 0.48 -1.14
C GLY A 56 4.72 0.13 -2.42
N LEU A 57 4.34 -1.16 -2.52
CA LEU A 57 3.59 -1.79 -3.62
C LEU A 57 2.37 -2.54 -3.11
N VAL A 58 1.14 -2.11 -3.49
CA VAL A 58 -0.10 -2.84 -3.13
C VAL A 58 -0.41 -3.79 -4.23
N HIS A 59 -0.15 -5.11 -4.01
CA HIS A 59 -0.33 -6.19 -5.01
C HIS A 59 -1.82 -6.50 -5.30
N VAL A 60 -2.28 -6.54 -6.59
CA VAL A 60 -3.69 -6.85 -7.02
C VAL A 60 -4.33 -8.15 -6.47
N SER A 61 -3.49 -9.10 -6.04
CA SER A 61 -3.77 -10.37 -5.40
C SER A 61 -4.01 -10.31 -3.89
N GLU A 62 -3.69 -9.20 -3.16
CA GLU A 62 -3.88 -9.02 -1.70
C GLU A 62 -5.34 -8.77 -1.25
N MET A 63 -6.26 -9.53 -1.85
CA MET A 63 -7.70 -9.53 -1.70
C MET A 63 -8.23 -10.35 -0.54
N ASP A 64 -7.67 -11.58 -0.33
CA ASP A 64 -8.09 -12.59 0.64
C ASP A 64 -9.21 -13.47 0.07
N TRP A 65 -10.42 -12.87 -0.03
CA TRP A 65 -11.66 -13.43 -0.52
C TRP A 65 -12.54 -12.21 -0.81
N THR A 66 -13.80 -12.38 -1.31
CA THR A 66 -14.79 -11.33 -1.62
C THR A 66 -15.55 -10.90 -0.36
N ASN A 67 -14.77 -10.40 0.63
CA ASN A 67 -15.17 -10.02 1.99
C ASN A 67 -15.53 -8.55 2.07
N LYS A 68 -16.53 -8.18 1.23
CA LYS A 68 -17.08 -6.84 0.98
C LYS A 68 -16.14 -6.05 0.05
N ASN A 69 -15.47 -6.79 -0.86
CA ASN A 69 -14.45 -6.31 -1.77
C ASN A 69 -14.93 -6.24 -3.20
N ILE A 70 -15.50 -7.37 -3.69
CA ILE A 70 -16.09 -7.65 -4.99
C ILE A 70 -15.06 -7.79 -6.09
N HIS A 71 -14.15 -6.79 -6.19
CA HIS A 71 -13.07 -6.66 -7.15
C HIS A 71 -11.88 -6.04 -6.44
N PRO A 72 -10.62 -6.60 -6.43
CA PRO A 72 -9.42 -5.99 -5.81
C PRO A 72 -8.81 -4.84 -6.66
N SER A 73 -9.68 -4.16 -7.42
CA SER A 73 -9.53 -3.00 -8.26
C SER A 73 -10.53 -1.94 -7.83
N LYS A 74 -11.48 -2.22 -6.88
CA LYS A 74 -12.43 -1.21 -6.38
C LYS A 74 -11.97 -0.42 -5.15
N VAL A 75 -11.40 -1.06 -4.07
CA VAL A 75 -11.03 -0.41 -2.81
C VAL A 75 -9.63 0.26 -2.78
N VAL A 76 -9.03 0.44 -3.99
CA VAL A 76 -7.79 1.17 -4.27
C VAL A 76 -8.07 2.15 -5.40
N ASN A 77 -7.96 3.45 -5.10
CA ASN A 77 -8.09 4.56 -6.03
C ASN A 77 -6.76 5.26 -5.93
N VAL A 78 -6.40 5.98 -7.00
CA VAL A 78 -5.18 6.78 -7.13
C VAL A 78 -5.34 8.12 -6.39
N GLY A 79 -4.45 8.39 -5.40
CA GLY A 79 -4.50 9.55 -4.49
C GLY A 79 -5.32 9.32 -3.26
N ASP A 80 -5.51 8.05 -2.85
CA ASP A 80 -6.31 7.65 -1.70
C ASP A 80 -5.49 6.83 -0.73
N VAL A 81 -5.79 6.99 0.59
CA VAL A 81 -5.12 6.33 1.70
C VAL A 81 -5.80 5.03 2.10
N VAL A 82 -4.96 4.00 2.39
CA VAL A 82 -5.26 2.60 2.75
C VAL A 82 -4.31 2.15 3.83
N GLU A 83 -4.51 0.89 4.23
CA GLU A 83 -3.67 0.16 5.16
C GLU A 83 -3.05 -0.88 4.28
N VAL A 84 -1.75 -1.17 4.47
CA VAL A 84 -1.00 -1.97 3.50
C VAL A 84 -0.08 -2.77 4.37
N MET A 85 0.17 -4.08 4.12
CA MET A 85 0.97 -4.93 5.00
C MET A 85 2.30 -5.13 4.39
N VAL A 86 3.40 -5.09 5.20
CA VAL A 86 4.75 -4.98 4.65
C VAL A 86 5.40 -6.20 4.05
N LEU A 87 5.93 -6.11 2.79
CA LEU A 87 6.57 -7.15 2.07
C LEU A 87 7.90 -6.48 1.79
N ASP A 88 8.38 -6.51 0.56
CA ASP A 88 9.79 -6.37 0.15
C ASP A 88 10.69 -5.21 0.54
N ILE A 89 11.72 -5.50 1.36
CA ILE A 89 12.64 -4.52 1.93
C ILE A 89 14.04 -4.47 1.33
N ASP A 90 14.49 -3.25 0.96
CA ASP A 90 15.84 -2.94 0.56
C ASP A 90 16.11 -1.56 1.08
N GLU A 91 17.13 -1.39 1.98
CA GLU A 91 17.53 -0.11 2.59
C GLU A 91 18.45 0.73 1.70
N GLU A 92 19.02 0.05 0.68
CA GLU A 92 19.89 0.51 -0.39
C GLU A 92 19.07 1.04 -1.57
N ARG A 93 17.90 0.40 -1.86
CA ARG A 93 16.99 0.73 -2.97
C ARG A 93 15.89 1.67 -2.51
N ARG A 94 15.58 1.55 -1.20
CA ARG A 94 14.69 2.34 -0.34
C ARG A 94 13.23 2.07 -0.59
N ARG A 95 12.99 0.75 -0.63
CA ARG A 95 11.71 0.13 -0.86
C ARG A 95 11.44 -0.83 0.27
N ILE A 96 10.24 -0.70 0.88
CA ILE A 96 9.63 -1.54 1.94
C ILE A 96 8.43 -1.90 1.15
N SER A 97 8.03 -3.18 0.88
CA SER A 97 6.99 -3.20 -0.17
C SER A 97 5.72 -3.49 0.50
N LEU A 98 4.88 -2.50 0.90
CA LEU A 98 3.70 -2.85 1.65
C LEU A 98 2.56 -2.90 0.69
N GLY A 99 1.71 -3.91 0.91
CA GLY A 99 0.52 -4.05 0.09
C GLY A 99 -0.57 -4.59 0.90
N LEU A 100 -1.69 -3.83 0.97
CA LEU A 100 -2.96 -4.21 1.53
C LEU A 100 -4.12 -3.68 0.74
N LYS A 101 -4.83 -2.63 1.27
CA LYS A 101 -6.07 -1.99 0.78
C LYS A 101 -7.25 -2.00 1.77
N GLN A 102 -7.03 -1.99 3.12
CA GLN A 102 -8.10 -2.09 4.12
C GLN A 102 -8.78 -0.79 4.55
N CYS A 103 -8.61 0.31 3.75
CA CYS A 103 -9.24 1.63 3.83
C CYS A 103 -9.01 2.54 5.05
N LYS A 104 -9.00 3.88 4.83
CA LYS A 104 -8.94 4.92 5.85
C LYS A 104 -10.33 5.56 6.05
N ALA A 105 -10.53 6.39 7.11
CA ALA A 105 -11.80 7.04 7.45
C ALA A 105 -11.86 8.45 6.90
N ASN A 106 -12.22 8.45 5.59
CA ASN A 106 -12.35 9.50 4.60
C ASN A 106 -11.01 9.52 3.84
N PRO A 107 -10.71 8.56 2.92
CA PRO A 107 -9.41 8.40 2.24
C PRO A 107 -8.95 9.53 1.32
N TRP A 108 -9.75 10.61 1.12
CA TRP A 108 -9.43 11.81 0.35
C TRP A 108 -8.89 12.89 1.29
N GLN A 109 -9.13 12.68 2.62
CA GLN A 109 -8.67 13.40 3.78
C GLN A 109 -9.47 14.62 4.20
N GLN A 110 -10.48 14.40 5.09
CA GLN A 110 -11.25 15.43 5.77
C GLN A 110 -10.50 15.87 7.02
N PHE A 111 -10.86 17.07 7.55
CA PHE A 111 -10.27 17.78 8.68
C PHE A 111 -10.42 17.05 10.02
N ALA A 112 -9.37 16.32 10.46
CA ALA A 112 -9.23 15.53 11.68
C ALA A 112 -10.28 14.44 11.91
N GLU A 113 -11.17 14.66 12.91
CA GLU A 113 -12.26 13.80 13.30
C GLU A 113 -13.59 14.42 12.89
N THR A 114 -13.82 14.58 11.56
CA THR A 114 -15.04 15.12 10.96
C THR A 114 -15.70 14.03 10.11
N HIS A 115 -15.49 12.76 10.51
CA HIS A 115 -16.03 11.54 9.99
C HIS A 115 -15.94 10.56 11.16
N TRP A 21 13.84 -18.42 10.06
CA TRP A 21 15.28 -18.25 9.71
C TRP A 21 15.75 -16.95 10.35
N VAL A 22 17.00 -16.50 10.04
CA VAL A 22 17.80 -15.33 10.44
C VAL A 22 17.19 -14.20 11.30
N ALA A 23 17.51 -14.13 12.62
CA ALA A 23 17.07 -13.10 13.56
C ALA A 23 18.10 -11.97 13.73
N ILE A 24 18.61 -11.46 12.59
CA ILE A 24 19.62 -10.42 12.44
C ILE A 24 19.61 -10.10 10.95
N ALA A 25 20.38 -9.10 10.45
CA ALA A 25 20.58 -8.71 9.05
C ALA A 25 19.45 -7.95 8.34
N LYS A 26 18.19 -8.37 8.63
CA LYS A 26 16.91 -7.87 8.13
C LYS A 26 16.54 -6.51 8.73
N ARG A 27 16.00 -5.59 7.89
CA ARG A 27 15.81 -4.17 8.19
C ARG A 27 14.42 -3.78 8.70
N TYR A 28 13.46 -4.71 8.53
CA TYR A 28 12.08 -4.62 8.96
C TYR A 28 11.78 -6.01 9.51
N PRO A 29 10.70 -6.21 10.29
CA PRO A 29 10.18 -7.51 10.70
C PRO A 29 9.36 -8.19 9.56
N GLU A 30 8.60 -7.42 8.74
CA GLU A 30 7.75 -7.84 7.62
C GLU A 30 6.45 -8.54 8.03
N GLY A 31 5.26 -8.05 7.58
CA GLY A 31 3.99 -8.71 7.97
C GLY A 31 3.29 -7.99 9.08
N THR A 32 3.84 -6.81 9.30
CA THR A 32 3.42 -5.68 10.14
C THR A 32 2.81 -4.76 9.12
N LYS A 33 1.66 -4.14 9.40
CA LYS A 33 1.00 -3.29 8.43
C LYS A 33 1.04 -1.86 8.79
N LEU A 34 0.89 -1.06 7.73
CA LEU A 34 1.02 0.39 7.82
C LEU A 34 -0.13 0.98 7.10
N THR A 35 -0.23 2.30 7.18
CA THR A 35 -1.21 3.09 6.42
C THR A 35 -0.38 3.85 5.39
N GLY A 36 -0.97 4.03 4.20
CA GLY A 36 -0.38 4.75 3.07
C GLY A 36 -1.43 5.33 2.19
N ARG A 37 -0.95 6.07 1.17
CA ARG A 37 -1.77 6.80 0.23
C ARG A 37 -1.31 6.47 -1.16
N VAL A 38 -2.22 6.09 -2.09
CA VAL A 38 -1.87 5.72 -3.47
C VAL A 38 -1.49 6.85 -4.40
N THR A 39 -0.34 6.60 -5.07
CA THR A 39 0.30 7.48 -6.03
C THR A 39 0.31 6.88 -7.44
N ASN A 40 0.45 5.52 -7.59
CA ASN A 40 0.48 4.88 -8.89
C ASN A 40 -0.41 3.66 -8.81
N LEU A 41 -0.95 3.18 -9.96
CA LEU A 41 -1.54 1.85 -10.07
C LEU A 41 -0.72 1.23 -11.16
N THR A 42 -0.32 -0.04 -10.96
CA THR A 42 0.64 -0.75 -11.81
C THR A 42 -0.15 -1.83 -12.50
N ASP A 43 0.46 -2.63 -13.43
CA ASP A 43 -0.22 -3.68 -14.21
C ASP A 43 -0.82 -4.85 -13.41
N TYR A 44 -0.19 -5.18 -12.26
CA TYR A 44 -0.62 -6.21 -11.32
C TYR A 44 -0.30 -5.80 -9.93
N GLY A 45 -0.52 -4.51 -9.64
CA GLY A 45 -0.38 -4.04 -8.28
C GLY A 45 -0.65 -2.60 -8.34
N CYS A 46 -0.23 -1.89 -7.30
CA CYS A 46 -0.29 -0.45 -7.23
C CYS A 46 0.93 0.02 -6.50
N PHE A 47 1.26 1.33 -6.57
CA PHE A 47 2.42 1.85 -5.83
C PHE A 47 1.81 2.80 -4.83
N VAL A 48 2.16 2.56 -3.54
CA VAL A 48 1.49 3.20 -2.42
C VAL A 48 2.50 3.99 -1.71
N GLU A 49 2.22 5.25 -1.37
CA GLU A 49 3.19 6.06 -0.61
C GLU A 49 2.92 6.05 0.89
N ILE A 50 3.92 5.72 1.76
CA ILE A 50 3.76 5.77 3.23
C ILE A 50 3.74 7.19 3.81
N GLU A 51 4.94 7.66 4.08
CA GLU A 51 5.35 8.96 4.61
C GLU A 51 6.51 9.33 3.74
N GLU A 52 7.01 10.58 3.86
CA GLU A 52 8.14 11.03 3.04
C GLU A 52 9.48 10.25 3.27
N GLY A 53 10.01 9.61 2.20
CA GLY A 53 11.24 8.80 2.16
C GLY A 53 11.05 7.31 2.23
N VAL A 54 9.84 6.93 2.68
CA VAL A 54 9.37 5.55 2.85
C VAL A 54 8.19 5.26 1.94
N GLU A 55 8.34 4.37 0.92
CA GLU A 55 7.23 4.15 0.00
C GLU A 55 7.10 2.69 -0.20
N GLY A 56 5.89 2.29 -0.64
CA GLY A 56 5.61 0.90 -0.94
C GLY A 56 5.09 0.66 -2.30
N LEU A 57 5.02 -0.63 -2.55
CA LEU A 57 4.37 -1.30 -3.66
C LEU A 57 3.22 -2.00 -3.00
N VAL A 58 2.24 -2.37 -3.82
CA VAL A 58 1.21 -3.34 -3.48
C VAL A 58 1.34 -4.53 -4.37
N HIS A 59 1.38 -5.76 -3.80
CA HIS A 59 1.20 -6.94 -4.64
C HIS A 59 -0.30 -7.29 -4.67
N VAL A 60 -0.99 -7.18 -5.86
CA VAL A 60 -2.43 -7.41 -6.12
C VAL A 60 -3.13 -8.69 -5.60
N SER A 61 -2.33 -9.77 -5.37
CA SER A 61 -2.71 -11.07 -4.81
C SER A 61 -2.80 -11.03 -3.29
N GLU A 62 -2.28 -9.93 -2.68
CA GLU A 62 -2.32 -9.61 -1.27
C GLU A 62 -3.40 -8.57 -1.09
N MET A 63 -4.70 -8.89 -1.28
CA MET A 63 -5.77 -7.93 -1.24
C MET A 63 -7.05 -8.74 -1.21
N ASP A 64 -7.67 -8.93 -2.39
CA ASP A 64 -8.93 -9.59 -2.57
C ASP A 64 -8.93 -10.15 -3.98
N TRP A 65 -9.83 -9.62 -4.83
CA TRP A 65 -10.06 -10.04 -6.19
C TRP A 65 -10.37 -8.79 -6.96
N THR A 66 -9.49 -8.43 -7.93
CA THR A 66 -9.63 -7.24 -8.75
C THR A 66 -8.66 -7.51 -9.86
N ASN A 67 -8.63 -6.63 -10.90
CA ASN A 67 -7.82 -6.71 -12.12
C ASN A 67 -8.43 -7.70 -13.12
N LYS A 68 -8.73 -8.92 -12.60
CA LYS A 68 -9.46 -10.04 -13.16
C LYS A 68 -10.99 -9.82 -13.13
N ASN A 69 -11.43 -8.62 -12.65
CA ASN A 69 -12.81 -8.17 -12.55
C ASN A 69 -13.06 -7.14 -13.67
N ILE A 70 -13.28 -5.84 -13.34
CA ILE A 70 -13.44 -4.76 -14.32
C ILE A 70 -12.32 -3.74 -14.13
N HIS A 71 -12.54 -2.67 -13.33
CA HIS A 71 -11.59 -1.58 -13.15
C HIS A 71 -10.92 -1.58 -11.77
N PRO A 72 -9.58 -1.70 -11.59
CA PRO A 72 -8.91 -1.58 -10.28
C PRO A 72 -8.84 -0.12 -9.83
N SER A 73 -8.79 0.85 -10.79
CA SER A 73 -8.78 2.31 -10.76
C SER A 73 -10.03 2.96 -10.12
N LYS A 74 -11.15 2.19 -9.98
CA LYS A 74 -12.38 2.60 -9.30
C LYS A 74 -12.43 2.24 -7.82
N VAL A 75 -11.90 1.07 -7.35
CA VAL A 75 -11.87 0.64 -5.93
C VAL A 75 -10.59 1.09 -5.22
N VAL A 76 -9.51 1.33 -6.00
CA VAL A 76 -8.25 1.92 -5.56
C VAL A 76 -8.10 3.06 -6.53
N ASN A 77 -8.29 4.30 -6.06
CA ASN A 77 -8.15 5.51 -6.87
C ASN A 77 -6.83 6.12 -6.54
N VAL A 78 -6.35 6.94 -7.49
CA VAL A 78 -5.14 7.74 -7.38
C VAL A 78 -5.40 8.96 -6.48
N GLY A 79 -4.61 9.05 -5.37
CA GLY A 79 -4.75 10.06 -4.33
C GLY A 79 -5.70 9.70 -3.21
N ASP A 80 -5.99 8.38 -3.09
CA ASP A 80 -6.82 7.78 -2.04
C ASP A 80 -5.95 7.06 -1.06
N VAL A 81 -6.35 7.14 0.24
CA VAL A 81 -5.72 6.49 1.38
C VAL A 81 -6.24 5.06 1.57
N VAL A 82 -5.28 4.19 1.91
CA VAL A 82 -5.32 2.73 2.00
C VAL A 82 -4.43 2.33 3.16
N GLU A 83 -4.46 1.02 3.43
CA GLU A 83 -3.68 0.31 4.42
C GLU A 83 -2.88 -0.64 3.64
N VAL A 84 -1.63 -0.89 4.07
CA VAL A 84 -0.78 -1.76 3.25
C VAL A 84 0.07 -2.50 4.21
N MET A 85 0.34 -3.81 4.02
CA MET A 85 1.14 -4.58 4.97
C MET A 85 2.52 -4.80 4.39
N VAL A 86 3.62 -4.64 5.17
CA VAL A 86 4.97 -4.63 4.52
C VAL A 86 5.61 -5.96 4.25
N LEU A 87 6.20 -6.14 3.03
CA LEU A 87 6.93 -7.31 2.65
C LEU A 87 8.31 -6.74 2.28
N ASP A 88 8.81 -7.04 1.09
CA ASP A 88 10.23 -6.98 0.67
C ASP A 88 11.06 -5.69 0.70
N ILE A 89 12.07 -5.71 1.59
CA ILE A 89 12.84 -4.59 2.07
C ILE A 89 14.31 -4.50 1.70
N ASP A 90 14.68 -3.38 1.01
CA ASP A 90 16.04 -3.02 0.67
C ASP A 90 16.12 -1.53 0.86
N GLU A 91 17.01 -1.07 1.78
CA GLU A 91 17.21 0.35 2.20
C GLU A 91 18.27 1.08 1.39
N GLU A 92 18.90 0.34 0.46
CA GLU A 92 19.93 0.76 -0.50
C GLU A 92 19.29 1.09 -1.82
N ARG A 93 18.30 0.23 -2.15
CA ARG A 93 17.43 0.16 -3.31
C ARG A 93 16.19 0.98 -3.15
N ARG A 94 15.75 1.04 -1.90
CA ARG A 94 14.73 1.88 -1.32
C ARG A 94 13.31 1.48 -1.65
N ARG A 95 13.12 0.17 -1.40
CA ARG A 95 11.87 -0.56 -1.54
C ARG A 95 11.55 -1.24 -0.22
N ILE A 96 10.29 -1.11 0.26
CA ILE A 96 9.65 -1.78 1.41
C ILE A 96 8.58 -2.40 0.59
N SER A 97 8.29 -3.75 0.58
CA SER A 97 7.42 -4.12 -0.57
C SER A 97 6.12 -4.48 -0.03
N LEU A 98 5.08 -3.65 -0.07
CA LEU A 98 3.92 -3.88 0.73
C LEU A 98 2.85 -4.62 -0.08
N GLY A 99 1.79 -4.99 0.62
CA GLY A 99 0.57 -5.40 -0.12
C GLY A 99 -0.70 -5.03 0.61
N LEU A 100 -1.71 -4.49 -0.15
CA LEU A 100 -2.93 -3.77 0.29
C LEU A 100 -4.02 -4.40 1.19
N LYS A 101 -4.73 -3.56 2.05
CA LYS A 101 -5.85 -4.02 2.87
C LYS A 101 -7.22 -3.79 2.22
N GLN A 102 -7.96 -2.69 2.57
CA GLN A 102 -9.31 -2.49 2.04
C GLN A 102 -9.75 -1.08 1.67
N CYS A 103 -8.90 -0.04 1.86
CA CYS A 103 -9.21 1.38 1.67
C CYS A 103 -9.97 2.04 2.84
N LYS A 104 -9.93 3.40 2.80
CA LYS A 104 -10.56 4.46 3.58
C LYS A 104 -12.10 4.51 3.67
N ALA A 105 -12.65 5.75 3.71
CA ALA A 105 -14.05 6.15 3.69
C ALA A 105 -14.00 7.58 4.15
N ASN A 106 -13.82 8.45 3.11
CA ASN A 106 -13.53 9.87 3.12
C ASN A 106 -12.00 9.98 3.03
N PRO A 107 -11.35 9.74 1.85
CA PRO A 107 -9.88 9.71 1.71
C PRO A 107 -9.23 11.12 1.91
N TRP A 108 -7.99 11.22 2.47
CA TRP A 108 -7.19 12.41 2.84
C TRP A 108 -6.94 13.55 1.82
N GLN A 109 -8.01 14.00 1.12
CA GLN A 109 -7.98 15.05 0.10
C GLN A 109 -9.11 16.03 0.31
N GLN A 110 -10.38 15.54 0.24
CA GLN A 110 -11.64 16.28 0.32
C GLN A 110 -12.12 16.78 -1.05
N PHE A 111 -13.39 16.43 -1.41
CA PHE A 111 -14.04 16.75 -2.67
C PHE A 111 -14.86 18.04 -2.58
N ALA A 112 -15.28 18.60 -3.75
CA ALA A 112 -16.10 19.80 -3.88
C ALA A 112 -17.59 19.46 -4.01
N GLU A 113 -18.16 18.90 -2.92
CA GLU A 113 -19.54 18.49 -2.81
C GLU A 113 -19.88 18.64 -1.35
N THR A 114 -21.16 18.98 -1.02
CA THR A 114 -21.67 19.19 0.34
C THR A 114 -22.59 18.02 0.74
N HIS A 115 -22.03 16.80 0.65
CA HIS A 115 -22.53 15.49 0.95
C HIS A 115 -21.24 14.66 0.76
#